data_9QAJ
#
_entry.id   9QAJ
#
_cell.length_a   1.00
_cell.length_b   1.00
_cell.length_c   1.00
_cell.angle_alpha   90.00
_cell.angle_beta   90.00
_cell.angle_gamma   90.00
#
_symmetry.space_group_name_H-M   'P 1'
#
loop_
_entity.id
_entity.type
_entity.pdbx_description
1 polymer 'Histone H3.2'
2 polymer 'Histone H4'
3 polymer 'Histone H2A'
4 polymer 'Histone H2B 1.1'
5 polymer '601 DNA'
6 polymer '601 DNA'
7 polymer 'Isoform 2 of B-cell CLL/lymphoma 7 protein family member A'
8 polymer 'Isoform 2 of B-cell CLL/lymphoma 7 protein family member A'
#
loop_
_entity_poly.entity_id
_entity_poly.type
_entity_poly.pdbx_seq_one_letter_code
_entity_poly.pdbx_strand_id
1 'polypeptide(L)'
;ARTKQTARKSTGGKAPRKQLATKAARKSAPATGGVKKPHRYRPGTVALREIRRYQKSTELLIRKLPFQRLVREIAQDFKT
DLRFQSSAVMALQEASEAYLVALFEDTNLCAIHAKRVTIMPKDIQLARRIRGERA
;
A,E
2 'polypeptide(L)'
;SGRGKGGKGLGKGGAKRHRKVLRDNIQGITKPAIRRLARRGGVKRISGLIYEETRGVLKVFLENVIRDAVTYTEHAKRKT
VTAMDVVYALKRQGRTLYGFGG
;
B,F
3 'polypeptide(L)'
;SGRGKQGGKTRAKAKTRSSRAGLQFPVGRVHRLLRKGNYAERVGAGAPVYLAAVLEYLTAEILELAGNAARDNKKTRIIP
RHLQLAVRNDEELNKLLGRVTIAQGGVLPNIQSVLLPKK
;
C,G
4 'polypeptide(L)'
;PEPAKSAPAPKKGSKKAVTKTQKKDGKKRRKTRKESYAIYVYKVLKQVHPDTGISSKAMSIMNSFVNDVFERIAGEASRL
AHYNKRSTITSREIQTAVRLLLPGELAKHAVSEGTKAVTKYTSAK
;
D,H
5 'polydeoxyribonucleotide'
;(DA)(DT)(DC)(DG)(DA)(DT)(DG)(DT)(DA)(DT)(DA)(DT)(DA)(DT)(DC)(DT)(DG)(DA)(DC)(DA)
(DC)(DG)(DT)(DG)(DC)(DC)(DT)(DG)(DG)(DA)(DG)(DA)(DC)(DT)(DA)(DG)(DG)(DG)(DA)(DG)
(DT)(DA)(DA)(DT)(DC)(DC)(DC)(DC)(DT)(DT)(DG)(DG)(DC)(DG)(DG)(DT)(DT)(DA)(DA)(DA)
(DA)(DC)(DG)(DC)(DG)(DG)(DG)(DG)(DG)(DA)(DC)(DA)(DG)(DC)(DG)(DC)(DG)(DT)(DA)(DC)
(DG)(DT)(DG)(DC)(DG)(DT)(DT)(DT)(DA)(DA)(DG)(DC)(DG)(DG)(DT)(DG)(DC)(DT)(DA)(DG)
(DA)(DG)(DC)(DT)(DG)(DT)(DC)(DT)(DA)(DC)(DG)(DA)(DC)(DC)(DA)(DA)(DT)(DT)(DG)(DA)
(DG)(DC)(DG)(DG)(DC)(DC)(DT)(DC)(DG)(DG)(DC)(DA)(DC)(DC)(DG)(DG)(DG)(DA)(DT)(DT)
(DC)(DT)(DG)(DA)(DT)
;
I
6 'polydeoxyribonucleotide'
;(DA)(DT)(DC)(DA)(DG)(DA)(DA)(DT)(DC)(DC)(DC)(DG)(DG)(DT)(DG)(DC)(DC)(DG)(DA)(DG)
(DG)(DC)(DC)(DG)(DC)(DT)(DC)(DA)(DA)(DT)(DT)(DG)(DG)(DT)(DC)(DG)(DT)(DA)(DG)(DA)
(DC)(DA)(DG)(DC)(DT)(DC)(DT)(DA)(DG)(DC)(DA)(DC)(DC)(DG)(DC)(DT)(DT)(DA)(DA)(DA)
(DC)(DG)(DC)(DA)(DC)(DG)(DT)(DA)(DC)(DG)(DC)(DG)(DC)(DT)(DG)(DT)(DC)(DC)(DC)(DC)
(DC)(DG)(DC)(DG)(DT)(DT)(DT)(DT)(DA)(DA)(DC)(DC)(DG)(DC)(DC)(DA)(DA)(DG)(DG)(DG)
(DG)(DA)(DT)(DT)(DA)(DC)(DT)(DC)(DC)(DC)(DT)(DA)(DG)(DT)(DC)(DT)(DC)(DC)(DA)(DG)
(DG)(DC)(DA)(DC)(DG)(DT)(DG)(DT)(DC)(DA)(DG)(DA)(DT)(DA)(DT)(DA)(DT)(DA)(DC)(DA)
(DT)(DC)(DG)(DA)(DT)
;
J
7 'polypeptide(L)' MSGRSVRAETRSRA K,M
8 'polypeptide(L)' KDDIKRVMAAIEKVRK L,N
#
loop_
_chem_comp.id
_chem_comp.type
_chem_comp.name
_chem_comp.formula
DA DNA linking 2'-DEOXYADENOSINE-5'-MONOPHOSPHATE 'C10 H14 N5 O6 P'
DC DNA linking 2'-DEOXYCYTIDINE-5'-MONOPHOSPHATE 'C9 H14 N3 O7 P'
DG DNA linking 2'-DEOXYGUANOSINE-5'-MONOPHOSPHATE 'C10 H14 N5 O7 P'
DT DNA linking THYMIDINE-5'-MONOPHOSPHATE 'C10 H15 N2 O8 P'
#
# COMPACT_ATOMS: atom_id res chain seq x y z
N PRO A 38 49.79 0.98 27.36
CA PRO A 38 48.50 0.34 27.63
C PRO A 38 47.94 -0.37 26.39
N HIS A 39 46.69 -0.82 26.48
CA HIS A 39 46.02 -1.51 25.39
C HIS A 39 44.95 -0.61 24.80
N ARG A 40 44.82 -0.64 23.48
CA ARG A 40 43.85 0.18 22.79
C ARG A 40 43.52 -0.47 21.45
N TYR A 41 42.23 -0.65 21.18
CA TYR A 41 41.79 -1.28 19.95
C TYR A 41 41.96 -0.33 18.77
N ARG A 42 42.12 -0.91 17.58
CA ARG A 42 42.21 -0.11 16.38
C ARG A 42 40.87 0.54 16.07
N PRO A 43 40.86 1.73 15.48
CA PRO A 43 39.59 2.38 15.16
C PRO A 43 38.76 1.57 14.19
N GLY A 44 37.59 1.10 14.66
CA GLY A 44 36.70 0.35 13.79
C GLY A 44 36.32 -1.01 14.33
N THR A 45 37.26 -1.69 15.01
CA THR A 45 37.00 -3.04 15.45
C THR A 45 35.96 -3.10 16.56
N VAL A 46 35.89 -2.07 17.41
CA VAL A 46 34.86 -2.02 18.42
C VAL A 46 33.49 -1.86 17.77
N ALA A 47 33.42 -1.07 16.71
CA ALA A 47 32.17 -0.89 16.00
C ALA A 47 31.65 -2.20 15.43
N LEU A 48 32.55 -3.07 14.95
CA LEU A 48 32.11 -4.35 14.40
C LEU A 48 31.43 -5.20 15.46
N ARG A 49 32.06 -5.33 16.64
CA ARG A 49 31.44 -6.11 17.70
C ARG A 49 30.17 -5.45 18.19
N GLU A 50 30.09 -4.12 18.13
CA GLU A 50 28.84 -3.45 18.47
C GLU A 50 27.73 -3.82 17.50
N ILE A 51 28.04 -3.86 16.20
CA ILE A 51 27.05 -4.29 15.22
C ILE A 51 26.61 -5.71 15.51
N ARG A 52 27.56 -6.60 15.78
CA ARG A 52 27.20 -7.99 16.05
C ARG A 52 26.30 -8.08 17.27
N ARG A 53 26.63 -7.36 18.34
CA ARG A 53 25.83 -7.42 19.56
C ARG A 53 24.43 -6.89 19.32
N TYR A 54 24.32 -5.68 18.76
CA TYR A 54 23.02 -5.06 18.60
C TYR A 54 22.21 -5.68 17.46
N GLN A 55 22.81 -6.54 16.65
CA GLN A 55 22.02 -7.33 15.71
C GLN A 55 21.60 -8.66 16.31
N LYS A 56 22.37 -9.21 17.23
CA LYS A 56 21.98 -10.45 17.89
C LYS A 56 20.79 -10.24 18.82
N SER A 57 20.77 -9.13 19.55
CA SER A 57 19.76 -8.91 20.57
C SER A 57 18.50 -8.30 19.96
N THR A 58 17.47 -8.12 20.79
CA THR A 58 16.18 -7.66 20.31
C THR A 58 15.54 -6.55 21.14
N GLU A 59 16.11 -6.16 22.27
CA GLU A 59 15.47 -5.17 23.11
C GLU A 59 15.50 -3.80 22.44
N LEU A 60 14.80 -2.86 23.05
CA LEU A 60 14.74 -1.51 22.51
C LEU A 60 16.03 -0.76 22.79
N LEU A 61 16.35 0.19 21.92
CA LEU A 61 17.60 0.93 22.03
C LEU A 61 17.43 2.33 22.60
N ILE A 62 16.26 2.92 22.45
CA ILE A 62 15.98 4.24 23.00
C ILE A 62 15.45 4.08 24.41
N ARG A 63 15.87 4.98 25.30
CA ARG A 63 15.38 4.93 26.67
C ARG A 63 13.89 5.23 26.70
N LYS A 64 13.15 4.45 27.48
CA LYS A 64 11.69 4.50 27.41
C LYS A 64 11.15 5.85 27.87
N LEU A 65 11.66 6.38 28.99
CA LEU A 65 11.09 7.60 29.53
C LEU A 65 11.26 8.80 28.61
N PRO A 66 12.45 9.10 28.07
CA PRO A 66 12.54 10.24 27.14
C PRO A 66 11.68 10.07 25.90
N PHE A 67 11.57 8.86 25.38
CA PHE A 67 10.72 8.63 24.22
C PHE A 67 9.26 8.89 24.56
N GLN A 68 8.82 8.43 25.73
CA GLN A 68 7.45 8.68 26.14
C GLN A 68 7.20 10.17 26.29
N ARG A 69 8.15 10.90 26.87
CA ARG A 69 8.00 12.34 27.01
C ARG A 69 7.89 13.02 25.65
N LEU A 70 8.73 12.59 24.69
CA LEU A 70 8.68 13.16 23.36
C LEU A 70 7.35 12.90 22.69
N VAL A 71 6.84 11.67 22.80
CA VAL A 71 5.56 11.33 22.21
C VAL A 71 4.46 12.17 22.83
N ARG A 72 4.48 12.32 24.16
CA ARG A 72 3.47 13.12 24.83
C ARG A 72 3.49 14.55 24.34
N GLU A 73 4.68 15.15 24.24
CA GLU A 73 4.74 16.53 23.77
C GLU A 73 4.26 16.66 22.34
N ILE A 74 4.66 15.73 21.47
CA ILE A 74 4.24 15.80 20.07
C ILE A 74 2.73 15.74 19.97
N ALA A 75 2.11 14.83 20.72
CA ALA A 75 0.66 14.72 20.67
C ALA A 75 -0.04 15.87 21.37
N GLN A 76 0.66 16.58 22.26
CA GLN A 76 0.02 17.63 23.05
C GLN A 76 -0.58 18.72 22.18
N ASP A 77 0.04 19.05 21.04
CA ASP A 77 -0.48 20.13 20.20
C ASP A 77 -1.68 19.71 19.37
N PHE A 78 -1.77 18.45 18.97
CA PHE A 78 -2.93 17.99 18.22
C PHE A 78 -4.19 18.06 19.07
N LYS A 79 -4.08 17.67 20.34
CA LYS A 79 -5.20 17.78 21.27
C LYS A 79 -4.65 17.85 22.67
N THR A 80 -5.21 18.73 23.50
CA THR A 80 -4.72 18.90 24.84
C THR A 80 -5.08 17.69 25.70
N ASP A 81 -4.57 17.70 26.94
CA ASP A 81 -4.84 16.75 28.02
C ASP A 81 -5.13 15.34 27.54
N LEU A 82 -4.27 14.81 26.67
CA LEU A 82 -4.43 13.45 26.18
C LEU A 82 -3.79 12.46 27.15
N ARG A 83 -4.31 11.24 27.14
CA ARG A 83 -3.76 10.15 27.92
C ARG A 83 -3.33 9.03 26.99
N PHE A 84 -2.39 8.22 27.45
CA PHE A 84 -1.83 7.15 26.63
C PHE A 84 -1.80 5.85 27.42
N GLN A 85 -2.33 4.80 26.82
CA GLN A 85 -2.07 3.46 27.34
C GLN A 85 -0.58 3.16 27.21
N SER A 86 -0.02 2.48 28.22
CA SER A 86 1.39 2.13 28.17
C SER A 86 1.70 1.29 26.94
N SER A 87 0.79 0.38 26.58
CA SER A 87 0.98 -0.43 25.39
C SER A 87 1.01 0.43 24.13
N ALA A 88 0.25 1.53 24.12
CA ALA A 88 0.29 2.42 22.97
C ALA A 88 1.67 3.04 22.78
N VAL A 89 2.27 3.51 23.88
CA VAL A 89 3.61 4.09 23.80
C VAL A 89 4.62 3.02 23.41
N MET A 90 4.47 1.81 23.94
CA MET A 90 5.38 0.74 23.57
C MET A 90 5.29 0.42 22.09
N ALA A 91 4.07 0.38 21.54
CA ALA A 91 3.90 0.13 20.11
C ALA A 91 4.51 1.26 19.30
N LEU A 92 4.32 2.50 19.74
CA LEU A 92 4.95 3.62 19.05
C LEU A 92 6.45 3.48 19.01
N GLN A 93 7.05 3.10 20.14
CA GLN A 93 8.50 2.94 20.19
C GLN A 93 8.95 1.79 19.28
N GLU A 94 8.23 0.68 19.29
CA GLU A 94 8.57 -0.43 18.42
C GLU A 94 8.57 0.01 16.96
N ALA A 95 7.50 0.66 16.53
CA ALA A 95 7.40 1.08 15.14
C ALA A 95 8.49 2.07 14.78
N SER A 96 8.74 3.05 15.66
CA SER A 96 9.75 4.06 15.37
C SER A 96 11.13 3.43 15.26
N GLU A 97 11.47 2.53 16.17
CA GLU A 97 12.80 1.93 16.13
C GLU A 97 12.95 1.04 14.90
N ALA A 98 11.92 0.28 14.54
CA ALA A 98 12.01 -0.54 13.34
C ALA A 98 12.18 0.33 12.10
N TYR A 99 11.42 1.42 12.02
CA TYR A 99 11.53 2.31 10.87
C TYR A 99 12.91 2.93 10.78
N LEU A 100 13.46 3.38 11.91
CA LEU A 100 14.79 3.97 11.89
C LEU A 100 15.85 2.95 11.51
N VAL A 101 15.71 1.71 11.98
CA VAL A 101 16.69 0.68 11.62
C VAL A 101 16.65 0.40 10.13
N ALA A 102 15.45 0.28 9.56
CA ALA A 102 15.36 0.05 8.12
C ALA A 102 15.94 1.22 7.34
N LEU A 103 15.64 2.44 7.77
CA LEU A 103 16.19 3.61 7.10
C LEU A 103 17.71 3.62 7.17
N PHE A 104 18.27 3.19 8.31
CA PHE A 104 19.72 3.17 8.44
C PHE A 104 20.34 2.10 7.57
N GLU A 105 19.67 0.96 7.41
CA GLU A 105 20.14 -0.04 6.46
C GLU A 105 20.19 0.54 5.05
N ASP A 106 19.12 1.21 4.64
CA ASP A 106 19.09 1.77 3.30
C ASP A 106 20.15 2.85 3.11
N THR A 107 20.34 3.71 4.10
CA THR A 107 21.34 4.77 3.94
C THR A 107 22.75 4.22 4.01
N ASN A 108 22.96 3.11 4.73
CA ASN A 108 24.26 2.46 4.67
C ASN A 108 24.54 1.91 3.28
N LEU A 109 23.52 1.33 2.65
CA LEU A 109 23.68 0.90 1.26
C LEU A 109 24.02 2.08 0.37
N CYS A 110 23.33 3.21 0.58
CA CYS A 110 23.61 4.42 -0.21
C CYS A 110 25.06 4.85 -0.04
N ALA A 111 25.52 4.94 1.20
CA ALA A 111 26.88 5.40 1.46
C ALA A 111 27.91 4.45 0.86
N ILE A 112 27.68 3.15 0.97
CA ILE A 112 28.61 2.19 0.38
C ILE A 112 28.64 2.35 -1.13
N HIS A 113 27.49 2.60 -1.73
CA HIS A 113 27.42 2.76 -3.19
C HIS A 113 28.31 3.89 -3.69
N ALA A 114 28.60 4.88 -2.85
CA ALA A 114 29.43 6.02 -3.24
C ALA A 114 30.89 5.84 -2.84
N LYS A 115 31.35 4.60 -2.73
CA LYS A 115 32.74 4.30 -2.35
C LYS A 115 33.10 4.91 -1.01
N ARG A 116 32.14 5.03 -0.12
CA ARG A 116 32.36 5.59 1.20
C ARG A 116 32.03 4.56 2.27
N VAL A 117 32.49 4.84 3.49
CA VAL A 117 32.17 4.04 4.65
C VAL A 117 31.35 4.82 5.68
N THR A 118 31.68 6.10 5.88
CA THR A 118 30.93 6.96 6.78
C THR A 118 29.65 7.42 6.12
N ILE A 119 28.53 7.27 6.83
CA ILE A 119 27.26 7.77 6.31
C ILE A 119 27.13 9.25 6.64
N MET A 120 26.57 10.00 5.72
CA MET A 120 26.41 11.44 5.82
C MET A 120 24.96 11.79 5.60
N PRO A 121 24.53 13.00 5.95
CA PRO A 121 23.12 13.36 5.77
C PRO A 121 22.64 13.20 4.34
N LYS A 122 23.50 13.45 3.36
CA LYS A 122 23.08 13.36 1.97
C LYS A 122 22.60 11.95 1.63
N ASP A 123 23.22 10.93 2.21
CA ASP A 123 22.75 9.56 1.98
C ASP A 123 21.36 9.36 2.54
N ILE A 124 21.09 9.91 3.73
CA ILE A 124 19.75 9.78 4.31
C ILE A 124 18.73 10.47 3.43
N GLN A 125 19.04 11.67 2.95
CA GLN A 125 18.11 12.38 2.08
C GLN A 125 17.88 11.61 0.79
N LEU A 126 18.94 11.03 0.22
CA LEU A 126 18.76 10.25 -1.01
C LEU A 126 17.87 9.04 -0.76
N ALA A 127 18.10 8.33 0.34
CA ALA A 127 17.29 7.15 0.64
C ALA A 127 15.83 7.52 0.81
N ARG A 128 15.56 8.58 1.56
CA ARG A 128 14.17 8.99 1.76
C ARG A 128 13.55 9.46 0.46
N ARG A 129 14.30 10.19 -0.36
CA ARG A 129 13.77 10.67 -1.64
C ARG A 129 13.42 9.51 -2.55
N ILE A 130 14.26 8.48 -2.59
CA ILE A 130 13.99 7.34 -3.46
C ILE A 130 12.81 6.55 -2.92
N ARG A 131 12.73 6.41 -1.59
CA ARG A 131 11.61 5.69 -0.99
C ARG A 131 10.27 6.35 -1.31
N GLY A 132 10.26 7.62 -1.68
CA GLY A 132 9.07 8.35 -2.01
C GLY A 132 8.57 9.22 -0.89
N GLU A 133 8.87 8.88 0.36
CA GLU A 133 8.45 9.71 1.47
C GLU A 133 9.20 11.04 1.46
N ARG A 134 8.52 12.09 1.87
CA ARG A 134 9.11 13.42 1.91
C ARG A 134 8.77 14.14 3.20
N ASP B 24 12.69 21.00 22.73
CA ASP B 24 13.20 20.87 24.09
C ASP B 24 13.33 19.41 24.48
N ASN B 25 12.39 18.59 24.00
CA ASN B 25 12.34 17.18 24.36
C ASN B 25 12.85 16.27 23.27
N ILE B 26 13.02 16.76 22.05
CA ILE B 26 13.58 15.94 20.98
C ILE B 26 15.00 15.54 21.32
N GLN B 27 15.68 16.29 22.19
CA GLN B 27 17.01 15.92 22.65
C GLN B 27 16.99 14.67 23.51
N GLY B 28 15.82 14.21 23.93
CA GLY B 28 15.74 12.95 24.66
C GLY B 28 16.29 11.78 23.85
N ILE B 29 16.15 11.86 22.53
CA ILE B 29 16.76 10.86 21.67
C ILE B 29 18.24 11.20 21.58
N THR B 30 19.02 10.65 22.51
CA THR B 30 20.40 11.08 22.68
C THR B 30 21.28 10.49 21.59
N LYS B 31 22.49 11.05 21.47
CA LYS B 31 23.41 10.61 20.43
C LYS B 31 23.80 9.14 20.55
N PRO B 32 24.17 8.62 21.72
CA PRO B 32 24.45 7.18 21.80
C PRO B 32 23.27 6.31 21.41
N ALA B 33 22.04 6.75 21.65
CA ALA B 33 20.89 5.95 21.23
C ALA B 33 20.82 5.86 19.70
N ILE B 34 21.02 6.99 19.03
CA ILE B 34 21.04 6.98 17.57
C ILE B 34 22.18 6.11 17.06
N ARG B 35 23.33 6.18 17.74
CA ARG B 35 24.47 5.36 17.35
C ARG B 35 24.13 3.88 17.50
N ARG B 36 23.44 3.51 18.57
CA ARG B 36 23.04 2.12 18.76
C ARG B 36 22.07 1.68 17.67
N LEU B 37 21.13 2.56 17.31
CA LEU B 37 20.19 2.23 16.24
C LEU B 37 20.93 2.00 14.93
N ALA B 38 21.89 2.87 14.62
CA ALA B 38 22.67 2.69 13.40
C ALA B 38 23.50 1.42 13.45
N ARG B 39 24.06 1.10 14.61
CA ARG B 39 24.83 -0.13 14.76
C ARG B 39 23.96 -1.34 14.48
N ARG B 40 22.74 -1.33 14.99
CA ARG B 40 21.81 -2.40 14.65
C ARG B 40 21.54 -2.42 13.14
N GLY B 41 21.43 -1.24 12.54
CA GLY B 41 21.26 -1.17 11.10
C GLY B 41 22.46 -1.68 10.33
N GLY B 42 23.63 -1.72 10.95
CA GLY B 42 24.80 -2.24 10.28
C GLY B 42 25.71 -1.16 9.74
N VAL B 43 25.86 -0.08 10.48
CA VAL B 43 26.67 1.06 10.07
C VAL B 43 27.96 1.06 10.87
N LYS B 44 29.08 1.22 10.17
CA LYS B 44 30.39 1.17 10.81
C LYS B 44 30.90 2.53 11.24
N ARG B 45 30.66 3.58 10.46
CA ARG B 45 31.10 4.91 10.79
C ARG B 45 29.96 5.90 10.58
N ILE B 46 29.94 6.94 11.42
CA ILE B 46 28.85 7.89 11.45
C ILE B 46 29.42 9.29 11.37
N SER B 47 28.85 10.13 10.51
CA SER B 47 29.24 11.53 10.47
C SER B 47 28.56 12.31 11.58
N GLY B 48 29.19 13.40 11.99
CA GLY B 48 28.68 14.18 13.11
C GLY B 48 27.33 14.79 12.84
N LEU B 49 27.03 15.10 11.59
CA LEU B 49 25.78 15.76 11.25
C LEU B 49 24.61 14.79 11.11
N ILE B 50 24.85 13.49 11.28
CA ILE B 50 23.79 12.51 11.12
C ILE B 50 22.73 12.66 12.20
N TYR B 51 23.13 13.03 13.41
CA TYR B 51 22.21 13.00 14.54
C TYR B 51 21.05 13.96 14.38
N GLU B 52 21.32 15.19 13.92
CA GLU B 52 20.25 16.16 13.75
C GLU B 52 19.27 15.72 12.66
N GLU B 53 19.80 15.18 11.56
CA GLU B 53 18.93 14.68 10.50
C GLU B 53 18.08 13.53 10.99
N THR B 54 18.66 12.63 11.77
CA THR B 54 17.89 11.51 12.32
C THR B 54 16.81 12.00 13.26
N ARG B 55 17.12 13.00 14.09
CA ARG B 55 16.11 13.57 14.97
C ARG B 55 14.97 14.16 14.18
N GLY B 56 15.28 14.89 13.11
CA GLY B 56 14.23 15.46 12.28
C GLY B 56 13.38 14.39 11.62
N VAL B 57 14.02 13.34 11.11
CA VAL B 57 13.27 12.27 10.45
C VAL B 57 12.34 11.58 11.43
N LEU B 58 12.86 11.28 12.63
CA LEU B 58 12.04 10.63 13.65
C LEU B 58 10.88 11.53 14.05
N LYS B 59 11.13 12.82 14.19
CA LYS B 59 10.06 13.75 14.56
C LYS B 59 8.97 13.77 13.51
N VAL B 60 9.36 13.80 12.23
CA VAL B 60 8.37 13.81 11.16
C VAL B 60 7.55 12.52 11.18
N PHE B 61 8.22 11.39 11.33
CA PHE B 61 7.51 10.11 11.36
C PHE B 61 6.53 10.05 12.54
N LEU B 62 6.98 10.51 13.70
CA LEU B 62 6.13 10.49 14.88
C LEU B 62 4.93 11.41 14.71
N GLU B 63 5.13 12.60 14.13
CA GLU B 63 3.99 13.47 13.86
C GLU B 63 2.99 12.78 12.96
N ASN B 64 3.48 12.17 11.88
CA ASN B 64 2.58 11.56 10.90
C ASN B 64 1.76 10.45 11.54
N VAL B 65 2.39 9.62 12.36
CA VAL B 65 1.65 8.52 12.98
C VAL B 65 0.70 9.03 14.05
N ILE B 66 1.19 9.93 14.91
CA ILE B 66 0.42 10.37 16.07
C ILE B 66 -0.80 11.18 15.64
N ARG B 67 -0.70 11.95 14.56
CA ARG B 67 -1.86 12.70 14.10
C ARG B 67 -3.00 11.76 13.75
N ASP B 68 -2.69 10.69 13.01
CA ASP B 68 -3.72 9.71 12.66
C ASP B 68 -4.24 8.99 13.90
N ALA B 69 -3.35 8.65 14.83
CA ALA B 69 -3.80 7.98 16.05
C ALA B 69 -4.76 8.86 16.85
N VAL B 70 -4.43 10.14 16.98
CA VAL B 70 -5.28 11.06 17.71
C VAL B 70 -6.59 11.27 16.99
N THR B 71 -6.58 11.29 15.66
CA THR B 71 -7.83 11.40 14.92
C THR B 71 -8.72 10.20 15.17
N TYR B 72 -8.13 9.00 15.14
CA TYR B 72 -8.89 7.79 15.44
C TYR B 72 -9.49 7.84 16.83
N THR B 73 -8.69 8.29 17.80
CA THR B 73 -9.20 8.40 19.17
C THR B 73 -10.34 9.40 19.25
N GLU B 74 -10.17 10.57 18.65
CA GLU B 74 -11.20 11.60 18.69
C GLU B 74 -12.50 11.12 18.07
N HIS B 75 -12.41 10.28 17.02
CA HIS B 75 -13.64 9.80 16.40
C HIS B 75 -14.46 8.97 17.37
N ALA B 76 -13.80 8.18 18.21
CA ALA B 76 -14.51 7.33 19.17
C ALA B 76 -14.91 8.07 20.44
N LYS B 77 -14.71 9.39 20.48
CA LYS B 77 -15.07 10.22 21.63
C LYS B 77 -14.35 9.76 22.90
N ARG B 78 -13.15 9.23 22.74
CA ARG B 78 -12.31 8.85 23.87
C ARG B 78 -11.30 9.95 24.17
N LYS B 79 -10.65 9.83 25.32
CA LYS B 79 -9.62 10.77 25.72
C LYS B 79 -8.27 10.13 25.94
N THR B 80 -8.17 8.80 25.83
CA THR B 80 -6.91 8.09 26.00
C THR B 80 -6.61 7.32 24.73
N VAL B 81 -5.43 7.58 24.15
CA VAL B 81 -5.00 6.84 22.97
C VAL B 81 -4.67 5.41 23.38
N THR B 82 -5.26 4.45 22.70
CA THR B 82 -5.02 3.04 22.97
C THR B 82 -4.14 2.45 21.89
N ALA B 83 -3.61 1.25 22.18
CA ALA B 83 -2.68 0.61 21.26
C ALA B 83 -3.32 0.32 19.92
N MET B 84 -4.61 0.00 19.92
CA MET B 84 -5.29 -0.29 18.65
C MET B 84 -5.32 0.93 17.75
N ASP B 85 -5.43 2.13 18.32
CA ASP B 85 -5.38 3.33 17.49
C ASP B 85 -4.03 3.46 16.81
N VAL B 86 -2.94 3.17 17.54
CA VAL B 86 -1.62 3.22 16.94
C VAL B 86 -1.49 2.18 15.84
N VAL B 87 -2.02 0.98 16.08
CA VAL B 87 -1.97 -0.07 15.06
C VAL B 87 -2.71 0.37 13.81
N TYR B 88 -3.89 0.97 13.98
CA TYR B 88 -4.66 1.41 12.83
C TYR B 88 -3.97 2.55 12.09
N ALA B 89 -3.33 3.47 12.81
CA ALA B 89 -2.59 4.52 12.14
C ALA B 89 -1.44 3.93 11.32
N LEU B 90 -0.73 2.96 11.90
CA LEU B 90 0.35 2.32 11.16
C LEU B 90 -0.17 1.60 9.94
N LYS B 91 -1.32 0.95 10.06
CA LYS B 91 -1.95 0.32 8.90
C LYS B 91 -2.30 1.35 7.84
N ARG B 92 -2.74 2.53 8.27
CA ARG B 92 -3.00 3.63 7.35
C ARG B 92 -1.73 4.00 6.59
N GLN B 93 -0.60 4.06 7.28
CA GLN B 93 0.65 4.39 6.62
C GLN B 93 1.25 3.21 5.87
N GLY B 94 0.47 2.17 5.61
CA GLY B 94 0.95 1.01 4.87
C GLY B 94 2.08 0.32 5.57
N ARG B 95 1.96 0.16 6.89
CA ARG B 95 3.00 -0.46 7.69
C ARG B 95 2.39 -1.18 8.87
N THR B 96 2.12 -2.48 8.72
CA THR B 96 1.45 -3.21 9.78
C THR B 96 2.39 -3.44 10.96
N LEU B 97 1.83 -3.92 12.06
CA LEU B 97 2.58 -4.16 13.28
C LEU B 97 1.93 -5.30 14.04
N TYR B 98 2.69 -6.33 14.35
CA TYR B 98 2.17 -7.53 14.98
C TYR B 98 2.46 -7.54 16.46
N GLY B 99 1.51 -8.01 17.25
CA GLY B 99 1.72 -8.24 18.66
C GLY B 99 1.14 -7.21 19.60
N PHE B 100 0.03 -6.58 19.26
CA PHE B 100 -0.61 -5.62 20.14
C PHE B 100 -2.13 -5.82 20.12
N GLY B 101 -2.56 -7.07 20.27
CA GLY B 101 -3.96 -7.39 20.24
C GLY B 101 -4.49 -7.57 18.84
N GLY B 102 -5.30 -8.60 18.63
CA GLY B 102 -5.83 -8.90 17.31
C GLY B 102 -6.81 -7.87 16.79
N THR C 16 -34.77 18.64 -5.78
CA THR C 16 -34.01 17.42 -5.57
C THR C 16 -33.02 17.57 -4.42
N ARG C 17 -32.53 16.44 -3.90
CA ARG C 17 -31.63 16.49 -2.77
C ARG C 17 -30.34 17.21 -3.11
N SER C 18 -29.77 16.93 -4.28
CA SER C 18 -28.55 17.60 -4.69
C SER C 18 -28.75 19.10 -4.79
N SER C 19 -29.87 19.52 -5.38
CA SER C 19 -30.17 20.94 -5.46
C SER C 19 -30.60 21.51 -4.12
N ARG C 20 -31.09 20.68 -3.21
CA ARG C 20 -31.48 21.16 -1.89
C ARG C 20 -30.28 21.54 -1.04
N ALA C 21 -29.10 20.99 -1.33
CA ALA C 21 -27.90 21.26 -0.57
C ALA C 21 -27.00 22.29 -1.25
N GLY C 22 -27.49 22.94 -2.29
CA GLY C 22 -26.65 23.88 -3.03
C GLY C 22 -25.45 23.24 -3.66
N LEU C 23 -25.57 21.99 -4.08
CA LEU C 23 -24.47 21.25 -4.70
C LEU C 23 -24.77 21.03 -6.18
N GLN C 24 -23.74 20.62 -6.91
CA GLN C 24 -23.88 20.22 -8.30
C GLN C 24 -23.74 18.72 -8.51
N PHE C 25 -23.03 18.03 -7.62
CA PHE C 25 -22.86 16.60 -7.72
C PHE C 25 -24.14 15.87 -7.31
N PRO C 26 -24.35 14.66 -7.81
CA PRO C 26 -25.60 13.95 -7.52
C PRO C 26 -25.62 13.34 -6.13
N VAL C 27 -26.41 13.93 -5.22
CA VAL C 27 -26.54 13.35 -3.89
C VAL C 27 -27.22 11.99 -3.96
N GLY C 28 -28.27 11.88 -4.77
CA GLY C 28 -28.99 10.62 -4.86
C GLY C 28 -28.13 9.49 -5.40
N ARG C 29 -27.35 9.77 -6.43
CA ARG C 29 -26.48 8.74 -6.99
C ARG C 29 -25.43 8.30 -5.98
N VAL C 30 -24.87 9.24 -5.23
CA VAL C 30 -23.90 8.89 -4.20
C VAL C 30 -24.55 8.02 -3.13
N HIS C 31 -25.76 8.37 -2.73
CA HIS C 31 -26.48 7.56 -1.74
C HIS C 31 -26.70 6.15 -2.27
N ARG C 32 -27.11 6.03 -3.53
CA ARG C 32 -27.33 4.71 -4.10
C ARG C 32 -26.05 3.91 -4.15
N LEU C 33 -24.94 4.54 -4.52
CA LEU C 33 -23.66 3.85 -4.58
C LEU C 33 -23.23 3.39 -3.19
N LEU C 34 -23.41 4.26 -2.19
CA LEU C 34 -23.05 3.87 -0.82
C LEU C 34 -23.90 2.70 -0.36
N ARG C 35 -25.19 2.71 -0.68
CA ARG C 35 -26.06 1.61 -0.28
C ARG C 35 -25.65 0.31 -0.96
N LYS C 36 -25.46 0.34 -2.28
CA LYS C 36 -25.18 -0.88 -3.02
C LYS C 36 -23.76 -1.38 -2.78
N GLY C 37 -22.85 -0.52 -2.33
CA GLY C 37 -21.49 -0.93 -2.12
C GLY C 37 -21.23 -1.66 -0.83
N ASN C 38 -22.29 -2.01 -0.09
CA ASN C 38 -22.24 -2.75 1.16
C ASN C 38 -21.10 -2.34 2.09
N TYR C 39 -20.84 -1.03 2.15
CA TYR C 39 -19.81 -0.53 3.04
C TYR C 39 -20.20 -0.70 4.50
N ALA C 40 -21.49 -0.55 4.81
CA ALA C 40 -21.99 -0.79 6.15
C ALA C 40 -23.45 -1.25 6.05
N GLU C 41 -23.97 -1.70 7.18
CA GLU C 41 -25.35 -2.19 7.21
C GLU C 41 -26.34 -1.08 6.87
N ARG C 42 -26.12 0.12 7.39
CA ARG C 42 -27.03 1.22 7.17
C ARG C 42 -26.23 2.47 6.83
N VAL C 43 -26.88 3.40 6.13
CA VAL C 43 -26.25 4.64 5.69
C VAL C 43 -27.08 5.80 6.21
N GLY C 44 -26.41 6.78 6.81
CA GLY C 44 -27.08 7.93 7.37
C GLY C 44 -27.68 8.84 6.33
N ALA C 45 -28.32 9.92 6.75
CA ALA C 45 -28.95 10.85 5.83
C ALA C 45 -27.96 11.88 5.29
N GLY C 46 -27.19 12.52 6.16
CA GLY C 46 -26.25 13.52 5.73
C GLY C 46 -24.95 12.98 5.18
N ALA C 47 -24.74 11.68 5.27
CA ALA C 47 -23.50 11.10 4.75
C ALA C 47 -23.34 11.29 3.25
N PRO C 48 -24.32 10.96 2.40
CA PRO C 48 -24.15 11.25 0.97
C PRO C 48 -23.99 12.72 0.68
N VAL C 49 -24.66 13.60 1.44
CA VAL C 49 -24.51 15.03 1.21
C VAL C 49 -23.07 15.47 1.47
N TYR C 50 -22.51 15.02 2.59
CA TYR C 50 -21.14 15.36 2.92
C TYR C 50 -20.19 14.82 1.87
N LEU C 51 -20.39 13.57 1.44
CA LEU C 51 -19.51 12.97 0.45
C LEU C 51 -19.58 13.71 -0.88
N ALA C 52 -20.79 14.08 -1.30
CA ALA C 52 -20.95 14.80 -2.55
C ALA C 52 -20.28 16.17 -2.47
N ALA C 53 -20.41 16.84 -1.34
CA ALA C 53 -19.75 18.14 -1.19
C ALA C 53 -18.23 17.99 -1.29
N VAL C 54 -17.67 16.96 -0.64
CA VAL C 54 -16.23 16.76 -0.70
C VAL C 54 -15.79 16.47 -2.12
N LEU C 55 -16.51 15.59 -2.82
CA LEU C 55 -16.16 15.28 -4.20
C LEU C 55 -16.23 16.53 -5.07
N GLU C 56 -17.27 17.35 -4.88
CA GLU C 56 -17.39 18.57 -5.66
C GLU C 56 -16.22 19.50 -5.40
N TYR C 57 -15.82 19.66 -4.15
CA TYR C 57 -14.71 20.55 -3.84
C TYR C 57 -13.42 20.06 -4.50
N LEU C 58 -13.14 18.76 -4.39
CA LEU C 58 -11.92 18.22 -4.98
C LEU C 58 -11.93 18.40 -6.49
N THR C 59 -13.05 18.09 -7.13
CA THR C 59 -13.15 18.25 -8.57
C THR C 59 -12.97 19.71 -8.97
N ALA C 60 -13.57 20.63 -8.23
CA ALA C 60 -13.41 22.05 -8.54
C ALA C 60 -11.95 22.46 -8.43
N GLU C 61 -11.26 22.01 -7.38
CA GLU C 61 -9.86 22.38 -7.21
C GLU C 61 -9.01 21.89 -8.38
N ILE C 62 -9.12 20.60 -8.70
CA ILE C 62 -8.26 20.06 -9.74
C ILE C 62 -8.61 20.67 -11.09
N LEU C 63 -9.91 20.91 -11.33
CA LEU C 63 -10.32 21.49 -12.60
C LEU C 63 -9.83 22.91 -12.75
N GLU C 64 -9.87 23.70 -11.67
CA GLU C 64 -9.37 25.07 -11.76
C GLU C 64 -7.87 25.08 -12.04
N LEU C 65 -7.12 24.21 -11.35
CA LEU C 65 -5.68 24.17 -11.62
C LEU C 65 -5.41 23.75 -13.06
N ALA C 66 -6.15 22.75 -13.56
CA ALA C 66 -5.95 22.30 -14.93
C ALA C 66 -6.32 23.39 -15.93
N GLY C 67 -7.38 24.14 -15.64
CA GLY C 67 -7.76 25.23 -16.53
C GLY C 67 -6.71 26.33 -16.57
N ASN C 68 -6.13 26.65 -15.41
CA ASN C 68 -5.03 27.61 -15.40
C ASN C 68 -3.86 27.10 -16.24
N ALA C 69 -3.53 25.82 -16.08
CA ALA C 69 -2.43 25.25 -16.87
C ALA C 69 -2.73 25.32 -18.36
N ALA C 70 -3.96 24.99 -18.75
CA ALA C 70 -4.33 25.02 -20.15
C ALA C 70 -4.28 26.44 -20.72
N ARG C 71 -4.75 27.41 -19.94
CA ARG C 71 -4.68 28.80 -20.38
C ARG C 71 -3.23 29.22 -20.56
N ASP C 72 -2.35 28.81 -19.64
CA ASP C 72 -0.93 29.10 -19.80
C ASP C 72 -0.36 28.48 -21.07
N ASN C 73 -1.02 27.45 -21.60
CA ASN C 73 -0.60 26.81 -22.85
C ASN C 73 -1.36 27.36 -24.05
N LYS C 74 -2.17 28.39 -23.85
CA LYS C 74 -2.94 29.03 -24.93
C LYS C 74 -3.86 28.03 -25.62
N LYS C 75 -4.48 27.15 -24.83
CA LYS C 75 -5.48 26.21 -25.32
C LYS C 75 -6.76 26.39 -24.53
N THR C 76 -7.89 26.21 -25.20
CA THR C 76 -9.21 26.35 -24.58
C THR C 76 -9.88 24.98 -24.43
N ARG C 77 -9.09 23.97 -24.09
CA ARG C 77 -9.61 22.61 -23.97
C ARG C 77 -8.69 21.78 -23.09
N ILE C 78 -9.23 21.28 -21.98
CA ILE C 78 -8.42 20.51 -21.04
C ILE C 78 -8.02 19.18 -21.69
N ILE C 79 -6.74 18.84 -21.57
CA ILE C 79 -6.23 17.56 -22.06
C ILE C 79 -5.45 16.91 -20.92
N PRO C 80 -5.24 15.60 -20.97
CA PRO C 80 -4.56 14.91 -19.87
C PRO C 80 -3.23 15.53 -19.48
N ARG C 81 -2.50 16.11 -20.43
CA ARG C 81 -1.26 16.77 -20.09
C ARG C 81 -1.50 17.91 -19.11
N HIS C 82 -2.56 18.69 -19.33
CA HIS C 82 -2.87 19.77 -18.41
C HIS C 82 -3.19 19.24 -17.02
N LEU C 83 -3.94 18.15 -16.95
CA LEU C 83 -4.27 17.57 -15.65
C LEU C 83 -3.02 17.09 -14.93
N GLN C 84 -2.10 16.45 -15.67
CA GLN C 84 -0.86 16.00 -15.05
C GLN C 84 -0.04 17.18 -14.55
N LEU C 85 0.05 18.25 -15.35
CA LEU C 85 0.78 19.43 -14.92
C LEU C 85 0.18 20.02 -13.67
N ALA C 86 -1.15 20.13 -13.63
CA ALA C 86 -1.81 20.71 -12.47
C ALA C 86 -1.59 19.86 -11.23
N VAL C 87 -1.65 18.54 -11.38
CA VAL C 87 -1.49 17.66 -10.23
C VAL C 87 -0.06 17.71 -9.70
N ARG C 88 0.92 17.59 -10.60
CA ARG C 88 2.31 17.53 -10.14
C ARG C 88 2.83 18.88 -9.69
N ASN C 89 2.25 19.99 -10.18
CA ASN C 89 2.74 21.30 -9.77
C ASN C 89 2.21 21.73 -8.42
N ASP C 90 1.19 21.06 -7.90
CA ASP C 90 0.63 21.35 -6.59
C ASP C 90 1.11 20.26 -5.64
N GLU C 91 1.80 20.67 -4.57
CA GLU C 91 2.39 19.70 -3.66
C GLU C 91 1.32 18.86 -2.96
N GLU C 92 0.21 19.49 -2.58
CA GLU C 92 -0.82 18.77 -1.83
C GLU C 92 -1.54 17.76 -2.71
N LEU C 93 -1.96 18.19 -3.91
CA LEU C 93 -2.58 17.25 -4.83
C LEU C 93 -1.61 16.14 -5.22
N ASN C 94 -0.33 16.49 -5.37
CA ASN C 94 0.67 15.48 -5.65
C ASN C 94 0.76 14.45 -4.53
N LYS C 95 0.73 14.92 -3.29
CA LYS C 95 0.75 13.99 -2.15
C LYS C 95 -0.49 13.11 -2.15
N LEU C 96 -1.66 13.69 -2.41
CA LEU C 96 -2.87 12.90 -2.49
C LEU C 96 -2.82 11.93 -3.66
N LEU C 97 -2.40 12.42 -4.82
CA LEU C 97 -2.29 11.59 -6.01
C LEU C 97 -0.85 11.10 -6.19
N GLY C 98 -0.37 10.39 -5.18
CA GLY C 98 0.99 9.89 -5.19
C GLY C 98 1.20 8.72 -6.12
N ARG C 99 0.56 7.60 -5.82
CA ARG C 99 0.74 6.38 -6.60
C ARG C 99 -0.35 6.25 -7.66
N VAL C 100 -0.35 7.19 -8.59
CA VAL C 100 -1.33 7.22 -9.67
C VAL C 100 -0.63 7.62 -10.96
N THR C 101 -1.02 6.99 -12.06
CA THR C 101 -0.50 7.31 -13.39
C THR C 101 -1.64 7.81 -14.24
N ILE C 102 -1.43 8.94 -14.90
CA ILE C 102 -2.43 9.52 -15.80
C ILE C 102 -2.03 9.20 -17.23
N ALA C 103 -2.95 8.61 -17.97
CA ALA C 103 -2.67 8.22 -19.35
C ALA C 103 -2.31 9.44 -20.19
N GLN C 104 -1.21 9.34 -20.93
CA GLN C 104 -0.73 10.42 -21.79
C GLN C 104 -0.51 11.71 -20.99
N GLY C 105 -0.07 11.56 -19.75
CA GLY C 105 0.16 12.71 -18.91
C GLY C 105 1.56 13.27 -19.03
N GLY C 106 2.49 12.46 -19.53
CA GLY C 106 3.85 12.96 -19.59
C GLY C 106 4.44 13.09 -18.19
N VAL C 107 5.53 13.85 -18.12
CA VAL C 107 6.24 14.09 -16.87
C VAL C 107 6.47 15.58 -16.73
N LEU C 108 6.82 15.99 -15.51
CA LEU C 108 7.15 17.38 -15.24
C LEU C 108 8.51 17.72 -15.86
N PRO C 109 8.63 18.85 -16.52
CA PRO C 109 9.92 19.23 -17.10
C PRO C 109 10.93 19.66 -16.04
N ASN C 110 11.93 18.82 -15.80
CA ASN C 110 13.00 19.17 -14.87
C ASN C 110 14.32 18.60 -15.38
N ILE C 111 15.41 19.21 -14.91
CA ILE C 111 16.76 18.77 -15.25
C ILE C 111 17.65 19.00 -14.05
N GLN C 112 18.43 17.99 -13.68
CA GLN C 112 19.36 18.13 -12.57
C GLN C 112 20.39 19.20 -12.88
N SER C 113 20.65 20.06 -11.90
CA SER C 113 21.48 21.25 -12.13
C SER C 113 22.90 20.88 -12.54
N VAL C 114 23.42 19.78 -12.03
CA VAL C 114 24.80 19.40 -12.36
C VAL C 114 24.90 19.00 -13.83
N LEU C 115 23.85 18.38 -14.38
CA LEU C 115 23.88 17.96 -15.77
C LEU C 115 23.96 19.13 -16.74
N LEU C 116 23.54 20.32 -16.33
CA LEU C 116 23.61 21.49 -17.20
C LEU C 116 25.06 21.84 -17.48
N PRO C 117 25.34 22.39 -18.66
CA PRO C 117 26.72 22.74 -19.01
C PRO C 117 27.20 23.94 -18.21
N LYS C 118 28.52 24.12 -18.22
CA LYS C 118 29.15 25.24 -17.54
C LYS C 118 28.68 26.57 -18.12
N SER D 36 -21.93 7.70 -15.37
CA SER D 36 -20.69 8.41 -15.15
C SER D 36 -20.94 9.82 -14.63
N TYR D 37 -19.89 10.49 -14.16
CA TYR D 37 -20.00 11.84 -13.62
C TYR D 37 -19.68 12.90 -14.65
N ALA D 38 -19.89 12.62 -15.93
CA ALA D 38 -19.51 13.58 -16.98
C ALA D 38 -20.28 14.88 -16.83
N ILE D 39 -21.60 14.79 -16.62
CA ILE D 39 -22.42 15.99 -16.58
C ILE D 39 -22.01 16.88 -15.42
N TYR D 40 -21.83 16.28 -14.25
CA TYR D 40 -21.54 17.07 -13.05
C TYR D 40 -20.15 17.69 -13.13
N VAL D 41 -19.18 16.94 -13.64
CA VAL D 41 -17.85 17.51 -13.88
C VAL D 41 -17.95 18.68 -14.83
N TYR D 42 -18.78 18.55 -15.86
CA TYR D 42 -18.96 19.63 -16.83
C TYR D 42 -19.55 20.86 -16.18
N LYS D 43 -20.58 20.69 -15.35
CA LYS D 43 -21.19 21.84 -14.68
C LYS D 43 -20.18 22.51 -13.75
N VAL D 44 -19.40 21.72 -13.02
CA VAL D 44 -18.38 22.30 -12.15
C VAL D 44 -17.39 23.10 -12.97
N LEU D 45 -16.94 22.54 -14.10
CA LEU D 45 -15.97 23.23 -14.93
C LEU D 45 -16.51 24.56 -15.43
N LYS D 46 -17.74 24.55 -15.97
CA LYS D 46 -18.34 25.80 -16.39
C LYS D 46 -18.55 26.76 -15.23
N GLN D 47 -18.72 26.25 -14.02
CA GLN D 47 -18.87 27.12 -12.86
C GLN D 47 -17.56 27.79 -12.48
N VAL D 48 -16.43 27.09 -12.62
CA VAL D 48 -15.15 27.65 -12.20
C VAL D 48 -14.47 28.36 -13.36
N HIS D 49 -14.57 27.79 -14.55
CA HIS D 49 -13.98 28.37 -15.76
C HIS D 49 -15.05 28.46 -16.83
N PRO D 50 -15.65 29.64 -17.02
CA PRO D 50 -16.84 29.72 -17.88
C PRO D 50 -16.60 29.24 -19.31
N ASP D 51 -15.52 29.67 -19.95
CA ASP D 51 -15.24 29.33 -21.34
C ASP D 51 -14.00 28.45 -21.40
N THR D 52 -14.21 27.15 -21.20
CA THR D 52 -13.11 26.19 -21.27
C THR D 52 -13.70 24.80 -21.48
N GLY D 53 -13.39 24.18 -22.61
CA GLY D 53 -13.83 22.84 -22.87
C GLY D 53 -12.94 21.81 -22.23
N ILE D 54 -13.29 20.55 -22.42
CA ILE D 54 -12.53 19.43 -21.85
C ILE D 54 -12.60 18.26 -22.81
N SER D 55 -11.44 17.69 -23.12
CA SER D 55 -11.37 16.57 -24.05
C SER D 55 -12.02 15.33 -23.44
N SER D 56 -12.40 14.41 -24.32
CA SER D 56 -13.02 13.17 -23.85
C SER D 56 -12.05 12.36 -23.00
N LYS D 57 -10.79 12.30 -23.39
CA LYS D 57 -9.80 11.59 -22.58
C LYS D 57 -9.66 12.24 -21.21
N ALA D 58 -9.62 13.57 -21.16
CA ALA D 58 -9.56 14.24 -19.88
C ALA D 58 -10.82 14.01 -19.06
N MET D 59 -11.98 13.94 -19.72
CA MET D 59 -13.20 13.64 -19.00
C MET D 59 -13.15 12.25 -18.38
N SER D 60 -12.62 11.28 -19.12
CA SER D 60 -12.45 9.95 -18.55
C SER D 60 -11.47 9.96 -17.39
N ILE D 61 -10.40 10.75 -17.52
CA ILE D 61 -9.44 10.89 -16.42
C ILE D 61 -10.15 11.38 -15.17
N MET D 62 -10.95 12.44 -15.31
CA MET D 62 -11.65 13.02 -14.16
C MET D 62 -12.66 12.05 -13.60
N ASN D 63 -13.35 11.30 -14.46
CA ASN D 63 -14.32 10.32 -13.98
C ASN D 63 -13.62 9.25 -13.15
N SER D 64 -12.48 8.76 -13.63
CA SER D 64 -11.73 7.77 -12.87
C SER D 64 -11.25 8.35 -11.56
N PHE D 65 -10.80 9.60 -11.57
CA PHE D 65 -10.32 10.24 -10.34
C PHE D 65 -11.44 10.35 -9.32
N VAL D 66 -12.62 10.78 -9.76
CA VAL D 66 -13.76 10.92 -8.85
C VAL D 66 -14.13 9.56 -8.27
N ASN D 67 -14.19 8.53 -9.12
CA ASN D 67 -14.52 7.20 -8.64
C ASN D 67 -13.49 6.72 -7.63
N ASP D 68 -12.21 6.96 -7.91
CA ASP D 68 -11.15 6.49 -7.02
C ASP D 68 -11.25 7.16 -5.66
N VAL D 69 -11.41 8.48 -5.64
CA VAL D 69 -11.49 9.19 -4.38
C VAL D 69 -12.73 8.77 -3.60
N PHE D 70 -13.86 8.61 -4.29
CA PHE D 70 -15.07 8.15 -3.63
C PHE D 70 -14.87 6.78 -3.00
N GLU D 71 -14.22 5.87 -3.74
CA GLU D 71 -13.98 4.54 -3.20
C GLU D 71 -13.09 4.59 -1.99
N ARG D 72 -12.03 5.40 -2.02
CA ARG D 72 -11.14 5.51 -0.88
C ARG D 72 -11.88 6.02 0.34
N ILE D 73 -12.68 7.08 0.16
CA ILE D 73 -13.38 7.67 1.30
C ILE D 73 -14.39 6.70 1.86
N ALA D 74 -15.15 6.03 0.98
CA ALA D 74 -16.14 5.08 1.45
C ALA D 74 -15.50 3.91 2.18
N GLY D 75 -14.38 3.40 1.67
CA GLY D 75 -13.70 2.32 2.35
C GLY D 75 -13.19 2.73 3.72
N GLU D 76 -12.62 3.93 3.82
CA GLU D 76 -12.17 4.42 5.11
C GLU D 76 -13.33 4.58 6.08
N ALA D 77 -14.47 5.12 5.60
CA ALA D 77 -15.63 5.26 6.47
C ALA D 77 -16.15 3.91 6.93
N SER D 78 -16.15 2.92 6.05
CA SER D 78 -16.58 1.58 6.43
C SER D 78 -15.66 1.00 7.48
N ARG D 79 -14.35 1.17 7.30
CA ARG D 79 -13.39 0.69 8.30
C ARG D 79 -13.60 1.37 9.63
N LEU D 80 -13.85 2.68 9.62
CA LEU D 80 -14.09 3.42 10.85
C LEU D 80 -15.34 2.93 11.56
N ALA D 81 -16.42 2.72 10.81
CA ALA D 81 -17.66 2.24 11.41
C ALA D 81 -17.46 0.85 12.01
N HIS D 82 -16.76 -0.02 11.29
CA HIS D 82 -16.53 -1.37 11.80
C HIS D 82 -15.60 -1.35 13.01
N TYR D 83 -14.74 -0.34 13.12
CA TYR D 83 -13.85 -0.22 14.27
C TYR D 83 -14.64 -0.04 15.56
N ASN D 84 -15.54 0.93 15.59
CA ASN D 84 -16.25 1.29 16.81
C ASN D 84 -17.49 0.45 17.04
N LYS D 85 -17.56 -0.73 16.44
CA LYS D 85 -18.73 -1.62 16.52
C LYS D 85 -20.00 -0.94 16.03
N ARG D 86 -19.87 0.20 15.35
CA ARG D 86 -21.03 0.89 14.81
C ARG D 86 -21.55 0.16 13.57
N SER D 87 -22.75 0.51 13.15
CA SER D 87 -23.36 -0.14 11.99
C SER D 87 -24.06 0.86 11.09
N THR D 88 -23.56 2.10 11.04
CA THR D 88 -24.22 3.14 10.25
C THR D 88 -23.18 4.18 9.87
N ILE D 89 -22.94 4.34 8.57
CA ILE D 89 -22.07 5.41 8.11
C ILE D 89 -22.84 6.73 8.16
N THR D 90 -22.36 7.65 8.97
CA THR D 90 -22.97 8.96 9.13
C THR D 90 -22.01 10.03 8.64
N SER D 91 -22.44 11.29 8.78
CA SER D 91 -21.58 12.40 8.38
C SER D 91 -20.30 12.44 9.20
N ARG D 92 -20.37 12.00 10.46
CA ARG D 92 -19.18 12.00 11.30
C ARG D 92 -18.11 11.07 10.73
N GLU D 93 -18.51 9.87 10.30
CA GLU D 93 -17.54 8.93 9.76
C GLU D 93 -16.88 9.47 8.50
N ILE D 94 -17.65 10.07 7.60
CA ILE D 94 -17.07 10.59 6.37
C ILE D 94 -16.18 11.79 6.68
N GLN D 95 -16.58 12.62 7.63
CA GLN D 95 -15.73 13.75 8.01
C GLN D 95 -14.39 13.28 8.55
N THR D 96 -14.41 12.27 9.41
CA THR D 96 -13.16 11.74 9.94
C THR D 96 -12.33 11.07 8.86
N ALA D 97 -12.98 10.37 7.93
CA ALA D 97 -12.25 9.77 6.82
C ALA D 97 -11.58 10.84 5.96
N VAL D 98 -12.29 11.94 5.71
CA VAL D 98 -11.70 13.04 4.96
C VAL D 98 -10.50 13.60 5.71
N ARG D 99 -10.64 13.80 7.02
CA ARG D 99 -9.53 14.29 7.81
C ARG D 99 -8.36 13.32 7.82
N LEU D 100 -8.64 12.03 7.61
CA LEU D 100 -7.59 11.02 7.58
C LEU D 100 -6.91 10.90 6.22
N LEU D 101 -7.61 11.21 5.13
CA LEU D 101 -7.06 10.96 3.81
C LEU D 101 -6.39 12.19 3.21
N LEU D 102 -7.03 13.31 3.27
CA LEU D 102 -6.47 14.43 2.53
C LEU D 102 -5.38 15.14 3.33
N PRO D 103 -4.43 15.77 2.64
CA PRO D 103 -3.41 16.57 3.34
C PRO D 103 -4.00 17.80 4.01
N GLY D 104 -3.18 18.52 4.77
CA GLY D 104 -3.65 19.53 5.70
C GLY D 104 -4.65 20.56 5.19
N GLU D 105 -4.20 21.48 4.34
CA GLU D 105 -5.10 22.54 3.89
C GLU D 105 -6.24 21.99 3.06
N LEU D 106 -5.95 20.98 2.24
CA LEU D 106 -7.00 20.34 1.46
C LEU D 106 -8.05 19.72 2.36
N ALA D 107 -7.61 19.02 3.41
CA ALA D 107 -8.56 18.41 4.33
C ALA D 107 -9.37 19.46 5.06
N LYS D 108 -8.74 20.55 5.48
CA LYS D 108 -9.45 21.60 6.20
C LYS D 108 -10.53 22.21 5.32
N HIS D 109 -10.19 22.53 4.07
CA HIS D 109 -11.18 23.13 3.18
C HIS D 109 -12.29 22.15 2.84
N ALA D 110 -11.95 20.87 2.62
CA ALA D 110 -12.97 19.89 2.32
C ALA D 110 -13.93 19.71 3.49
N VAL D 111 -13.40 19.69 4.71
CA VAL D 111 -14.25 19.57 5.89
C VAL D 111 -15.17 20.79 6.00
N SER D 112 -14.63 21.98 5.76
CA SER D 112 -15.45 23.18 5.82
C SER D 112 -16.59 23.11 4.81
N GLU D 113 -16.27 22.71 3.58
CA GLU D 113 -17.30 22.62 2.53
C GLU D 113 -18.35 21.59 2.90
N GLY D 114 -17.92 20.43 3.38
CA GLY D 114 -18.88 19.39 3.73
C GLY D 114 -19.79 19.81 4.86
N THR D 115 -19.23 20.45 5.90
CA THR D 115 -20.05 20.91 7.01
C THR D 115 -21.05 21.96 6.53
N LYS D 116 -20.59 22.89 5.70
CA LYS D 116 -21.49 23.91 5.19
C LYS D 116 -22.65 23.28 4.42
N ALA D 117 -22.34 22.33 3.54
CA ALA D 117 -23.37 21.67 2.76
C ALA D 117 -24.34 20.91 3.64
N VAL D 118 -23.82 20.20 4.65
CA VAL D 118 -24.69 19.40 5.51
C VAL D 118 -25.63 20.29 6.30
N THR D 119 -25.11 21.38 6.88
CA THR D 119 -25.98 22.29 7.62
C THR D 119 -27.01 22.93 6.71
N LYS D 120 -26.61 23.31 5.50
CA LYS D 120 -27.56 23.90 4.57
C LYS D 120 -28.66 22.91 4.21
N TYR D 121 -28.29 21.65 3.96
CA TYR D 121 -29.29 20.65 3.59
C TYR D 121 -30.20 20.30 4.76
N THR D 122 -29.67 20.33 5.98
CA THR D 122 -30.50 20.03 7.14
C THR D 122 -31.47 21.17 7.44
N SER D 123 -30.99 22.40 7.40
CA SER D 123 -31.84 23.55 7.69
C SER D 123 -33.02 23.60 6.73
N ALA D 124 -32.74 23.55 5.43
CA ALA D 124 -33.80 23.45 4.45
C ALA D 124 -34.34 22.02 4.42
N LYS D 125 -35.48 21.85 3.76
CA LYS D 125 -36.09 20.54 3.58
C LYS D 125 -37.18 20.58 2.53
N HIS E 39 28.17 22.37 -37.36
CA HIS E 39 28.80 21.33 -38.16
C HIS E 39 29.00 20.07 -37.33
N ARG E 40 29.33 20.25 -36.05
CA ARG E 40 29.55 19.14 -35.15
C ARG E 40 29.29 19.55 -33.71
N TYR E 41 28.12 19.20 -33.18
CA TYR E 41 27.78 19.55 -31.82
C TYR E 41 28.66 18.77 -30.84
N ARG E 42 29.14 19.46 -29.81
CA ARG E 42 29.94 18.80 -28.79
C ARG E 42 29.07 17.82 -28.01
N PRO E 43 29.64 16.71 -27.55
CA PRO E 43 28.84 15.69 -26.88
C PRO E 43 28.13 16.24 -25.66
N GLY E 44 26.90 15.79 -25.46
CA GLY E 44 26.07 16.24 -24.36
C GLY E 44 25.04 17.29 -24.74
N THR E 45 25.22 17.97 -25.87
CA THR E 45 24.27 18.99 -26.28
C THR E 45 23.02 18.37 -26.87
N VAL E 46 23.19 17.44 -27.80
CA VAL E 46 22.03 16.77 -28.40
C VAL E 46 21.30 15.96 -27.34
N ALA E 47 22.02 15.41 -26.37
CA ALA E 47 21.35 14.71 -25.27
C ALA E 47 20.46 15.66 -24.48
N LEU E 48 20.95 16.86 -24.20
CA LEU E 48 20.13 17.84 -23.49
C LEU E 48 18.92 18.25 -24.32
N ARG E 49 19.10 18.41 -25.63
CA ARG E 49 17.97 18.76 -26.48
C ARG E 49 16.93 17.65 -26.48
N GLU E 50 17.37 16.39 -26.53
CA GLU E 50 16.44 15.27 -26.46
C GLU E 50 15.73 15.24 -25.13
N ILE E 51 16.45 15.54 -24.04
CA ILE E 51 15.82 15.57 -22.72
C ILE E 51 14.72 16.63 -22.69
N ARG E 52 15.01 17.80 -23.24
CA ARG E 52 14.01 18.86 -23.29
C ARG E 52 12.81 18.45 -24.14
N ARG E 53 13.08 17.78 -25.26
CA ARG E 53 12.00 17.42 -26.18
C ARG E 53 11.08 16.37 -25.57
N TYR E 54 11.65 15.26 -25.12
CA TYR E 54 10.81 14.14 -24.68
C TYR E 54 10.13 14.42 -23.34
N GLN E 55 10.66 15.34 -22.54
CA GLN E 55 9.97 15.74 -21.33
C GLN E 55 8.79 16.66 -21.62
N LYS E 56 8.76 17.27 -22.81
CA LYS E 56 7.67 18.16 -23.20
C LYS E 56 6.52 17.39 -23.84
N SER E 57 6.83 16.41 -24.69
CA SER E 57 5.80 15.65 -25.36
C SER E 57 5.26 14.55 -24.44
N THR E 58 4.14 13.94 -24.86
CA THR E 58 3.44 12.96 -24.04
C THR E 58 3.20 11.61 -24.70
N GLU E 59 3.49 11.46 -25.99
CA GLU E 59 3.21 10.19 -26.65
C GLU E 59 4.15 9.11 -26.14
N LEU E 60 3.80 7.86 -26.46
CA LEU E 60 4.61 6.74 -26.04
C LEU E 60 5.92 6.68 -26.81
N LEU E 61 6.91 6.02 -26.22
CA LEU E 61 8.25 5.99 -26.77
C LEU E 61 8.68 4.62 -27.30
N ILE E 62 7.95 3.56 -26.98
CA ILE E 62 8.21 2.23 -27.51
C ILE E 62 7.24 1.97 -28.65
N ARG E 63 7.75 1.41 -29.74
CA ARG E 63 6.89 1.08 -30.87
C ARG E 63 5.81 0.10 -30.43
N LYS E 64 4.58 0.35 -30.90
CA LYS E 64 3.43 -0.39 -30.38
C LYS E 64 3.51 -1.87 -30.73
N LEU E 65 3.85 -2.19 -31.98
CA LEU E 65 3.81 -3.58 -32.41
C LEU E 65 4.82 -4.47 -31.68
N PRO E 66 6.10 -4.10 -31.54
CA PRO E 66 7.00 -4.95 -30.76
C PRO E 66 6.56 -5.13 -29.32
N PHE E 67 6.03 -4.07 -28.70
CA PHE E 67 5.58 -4.19 -27.33
C PHE E 67 4.40 -5.14 -27.23
N GLN E 68 3.47 -5.06 -28.18
CA GLN E 68 2.33 -5.98 -28.19
C GLN E 68 2.79 -7.41 -28.37
N ARG E 69 3.76 -7.64 -29.26
CA ARG E 69 4.29 -8.99 -29.44
C ARG E 69 4.95 -9.48 -28.17
N LEU E 70 5.69 -8.62 -27.48
CA LEU E 70 6.34 -9.02 -26.23
C LEU E 70 5.30 -9.39 -25.17
N VAL E 71 4.24 -8.59 -25.06
CA VAL E 71 3.20 -8.88 -24.09
C VAL E 71 2.54 -10.21 -24.39
N ARG E 72 2.23 -10.46 -25.67
CA ARG E 72 1.61 -11.73 -26.03
C ARG E 72 2.54 -12.90 -25.72
N GLU E 73 3.83 -12.77 -26.03
CA GLU E 73 4.75 -13.86 -25.78
C GLU E 73 4.93 -14.11 -24.29
N ILE E 74 4.89 -13.06 -23.47
CA ILE E 74 4.97 -13.24 -22.03
C ILE E 74 3.73 -13.95 -21.51
N ALA E 75 2.55 -13.50 -21.96
CA ALA E 75 1.31 -14.12 -21.52
C ALA E 75 1.18 -15.55 -21.99
N GLN E 76 1.90 -15.93 -23.05
CA GLN E 76 1.86 -17.30 -23.53
C GLN E 76 2.26 -18.31 -22.46
N ASP E 77 3.06 -17.90 -21.48
CA ASP E 77 3.48 -18.84 -20.43
C ASP E 77 2.28 -19.27 -19.59
N PHE E 78 1.38 -18.34 -19.31
CA PHE E 78 0.13 -18.64 -18.62
C PHE E 78 -0.87 -19.17 -19.62
N LYS E 79 -2.15 -19.20 -19.25
CA LYS E 79 -3.20 -19.75 -20.11
C LYS E 79 -2.97 -19.36 -21.57
N THR E 80 -2.96 -20.36 -22.44
CA THR E 80 -2.66 -20.16 -23.85
C THR E 80 -3.92 -19.76 -24.63
N ASP E 81 -3.72 -19.43 -25.90
CA ASP E 81 -4.79 -18.96 -26.78
C ASP E 81 -5.55 -17.80 -26.15
N LEU E 82 -4.80 -16.88 -25.56
CA LEU E 82 -5.42 -15.71 -24.95
C LEU E 82 -5.74 -14.66 -26.01
N ARG E 83 -6.53 -13.67 -25.61
CA ARG E 83 -6.88 -12.56 -26.47
C ARG E 83 -6.87 -11.28 -25.65
N PHE E 84 -6.51 -10.18 -26.31
CA PHE E 84 -6.38 -8.90 -25.65
C PHE E 84 -7.19 -7.85 -26.38
N GLN E 85 -7.92 -7.03 -25.62
CA GLN E 85 -8.45 -5.80 -26.19
C GLN E 85 -7.30 -4.84 -26.46
N SER E 86 -7.46 -4.03 -27.51
CA SER E 86 -6.43 -3.04 -27.82
C SER E 86 -6.20 -2.10 -26.65
N SER E 87 -7.27 -1.72 -25.96
CA SER E 87 -7.13 -0.86 -24.80
C SER E 87 -6.34 -1.52 -23.69
N ALA E 88 -6.43 -2.84 -23.56
CA ALA E 88 -5.66 -3.53 -22.54
C ALA E 88 -4.16 -3.42 -22.81
N VAL E 89 -3.75 -3.66 -24.05
CA VAL E 89 -2.35 -3.52 -24.40
C VAL E 89 -1.93 -2.07 -24.25
N MET E 90 -2.82 -1.13 -24.58
CA MET E 90 -2.50 0.28 -24.41
C MET E 90 -2.22 0.61 -22.95
N ALA E 91 -3.06 0.10 -22.05
CA ALA E 91 -2.87 0.34 -20.63
C ALA E 91 -1.57 -0.29 -20.13
N LEU E 92 -1.29 -1.52 -20.58
CA LEU E 92 -0.04 -2.15 -20.20
C LEU E 92 1.15 -1.32 -20.64
N GLN E 93 1.11 -0.80 -21.87
CA GLN E 93 2.19 0.03 -22.36
C GLN E 93 2.33 1.31 -21.55
N GLU E 94 1.21 1.95 -21.22
CA GLU E 94 1.28 3.19 -20.45
C GLU E 94 1.91 2.93 -19.08
N ALA E 95 1.48 1.85 -18.42
CA ALA E 95 2.02 1.53 -17.11
C ALA E 95 3.52 1.23 -17.21
N SER E 96 3.93 0.47 -18.23
CA SER E 96 5.33 0.15 -18.38
C SER E 96 6.16 1.40 -18.61
N GLU E 97 5.67 2.31 -19.46
CA GLU E 97 6.40 3.54 -19.71
C GLU E 97 6.56 4.35 -18.44
N ALA E 98 5.47 4.50 -17.68
CA ALA E 98 5.54 5.28 -16.45
C ALA E 98 6.53 4.66 -15.47
N TYR E 99 6.44 3.34 -15.30
CA TYR E 99 7.34 2.65 -14.37
C TYR E 99 8.80 2.82 -14.78
N LEU E 100 9.08 2.64 -16.06
CA LEU E 100 10.46 2.76 -16.53
C LEU E 100 10.97 4.18 -16.38
N VAL E 101 10.13 5.17 -16.65
CA VAL E 101 10.56 6.56 -16.53
C VAL E 101 10.88 6.89 -15.07
N ALA E 102 10.02 6.46 -14.15
CA ALA E 102 10.30 6.71 -12.74
C ALA E 102 11.57 5.99 -12.29
N LEU E 103 11.76 4.75 -12.76
CA LEU E 103 12.96 4.00 -12.41
C LEU E 103 14.20 4.70 -12.92
N PHE E 104 14.15 5.23 -14.14
CA PHE E 104 15.30 5.92 -14.70
C PHE E 104 15.57 7.23 -13.96
N GLU E 105 14.52 7.91 -13.51
CA GLU E 105 14.73 9.11 -12.71
C GLU E 105 15.46 8.78 -11.41
N ASP E 106 15.01 7.73 -10.72
CA ASP E 106 15.69 7.32 -9.49
C ASP E 106 17.11 6.87 -9.78
N THR E 107 17.32 6.20 -10.91
CA THR E 107 18.65 5.77 -11.31
C THR E 107 19.57 6.96 -11.54
N ASN E 108 19.06 8.00 -12.20
CA ASN E 108 19.86 9.19 -12.41
C ASN E 108 20.22 9.84 -11.09
N LEU E 109 19.27 9.85 -10.14
CA LEU E 109 19.60 10.38 -8.81
C LEU E 109 20.71 9.57 -8.16
N CYS E 110 20.63 8.23 -8.25
CA CYS E 110 21.66 7.38 -7.68
C CYS E 110 23.02 7.67 -8.31
N ALA E 111 23.05 7.76 -9.64
CA ALA E 111 24.32 7.99 -10.33
C ALA E 111 24.90 9.36 -9.95
N ILE E 112 24.05 10.37 -9.83
CA ILE E 112 24.52 11.68 -9.41
C ILE E 112 25.10 11.60 -8.00
N HIS E 113 24.48 10.81 -7.14
CA HIS E 113 24.97 10.66 -5.77
C HIS E 113 26.41 10.16 -5.75
N ALA E 114 26.79 9.32 -6.71
CA ALA E 114 28.14 8.81 -6.79
C ALA E 114 29.09 9.76 -7.52
N LYS E 115 28.69 11.02 -7.69
CA LYS E 115 29.50 12.02 -8.39
C LYS E 115 29.84 11.57 -9.81
N ARG E 116 28.82 11.13 -10.53
CA ARG E 116 28.94 10.75 -11.94
C ARG E 116 27.79 11.37 -12.72
N VAL E 117 27.78 11.13 -14.02
CA VAL E 117 26.70 11.61 -14.88
C VAL E 117 26.19 10.45 -15.72
N THR E 118 26.95 9.36 -15.75
CA THR E 118 26.62 8.19 -16.57
C THR E 118 25.96 7.15 -15.67
N ILE E 119 24.70 6.82 -15.96
CA ILE E 119 24.04 5.78 -15.20
C ILE E 119 24.63 4.42 -15.55
N MET E 120 24.72 3.55 -14.55
CA MET E 120 25.33 2.25 -14.69
C MET E 120 24.40 1.22 -14.08
N PRO E 121 24.54 -0.06 -14.44
CA PRO E 121 23.63 -1.09 -13.90
C PRO E 121 23.60 -1.14 -12.39
N LYS E 122 24.72 -0.86 -11.73
CA LYS E 122 24.73 -0.85 -10.28
C LYS E 122 23.77 0.21 -9.73
N ASP E 123 23.59 1.30 -10.46
CA ASP E 123 22.64 2.32 -10.01
C ASP E 123 21.21 1.80 -10.08
N ILE E 124 20.86 1.10 -11.16
CA ILE E 124 19.53 0.51 -11.25
C ILE E 124 19.33 -0.49 -10.13
N GLN E 125 20.32 -1.34 -9.88
CA GLN E 125 20.17 -2.34 -8.82
C GLN E 125 20.00 -1.67 -7.46
N LEU E 126 20.77 -0.61 -7.18
CA LEU E 126 20.62 0.07 -5.91
C LEU E 126 19.25 0.72 -5.77
N ALA E 127 18.77 1.37 -6.84
CA ALA E 127 17.46 2.02 -6.77
C ALA E 127 16.36 0.99 -6.54
N ARG E 128 16.42 -0.13 -7.26
CA ARG E 128 15.41 -1.17 -7.07
C ARG E 128 15.49 -1.77 -5.68
N ARG E 129 16.71 -2.00 -5.17
CA ARG E 129 16.87 -2.57 -3.84
C ARG E 129 16.29 -1.65 -2.78
N ILE E 130 16.53 -0.34 -2.90
CA ILE E 130 16.01 0.59 -1.91
C ILE E 130 14.50 0.71 -2.02
N ARG E 131 13.98 0.75 -3.25
CA ARG E 131 12.54 0.84 -3.44
C ARG E 131 11.80 -0.32 -2.80
N GLY E 132 12.46 -1.48 -2.67
CA GLY E 132 11.84 -2.66 -2.14
C GLY E 132 11.45 -3.69 -3.18
N GLU E 133 11.68 -3.42 -4.45
CA GLU E 133 11.39 -4.38 -5.50
C GLU E 133 12.35 -5.56 -5.50
N ARG E 134 13.43 -5.49 -4.74
CA ARG E 134 14.44 -6.55 -4.72
C ARG E 134 14.80 -6.86 -3.28
N ALA E 135 15.25 -8.09 -3.05
CA ALA E 135 15.65 -8.52 -1.72
C ALA E 135 17.02 -7.95 -1.37
N ASN F 25 12.48 -12.40 -28.24
CA ASN F 25 11.42 -11.46 -28.57
C ASN F 25 11.48 -10.22 -27.69
N ILE F 26 12.15 -10.35 -26.54
CA ILE F 26 12.34 -9.20 -25.66
C ILE F 26 13.23 -8.16 -26.33
N GLN F 27 14.11 -8.60 -27.23
CA GLN F 27 15.02 -7.71 -27.93
C GLN F 27 14.26 -6.75 -28.84
N GLY F 28 12.95 -6.92 -28.95
CA GLY F 28 12.13 -5.96 -29.66
C GLY F 28 12.11 -4.59 -29.01
N ILE F 29 12.41 -4.51 -27.72
CA ILE F 29 12.57 -3.23 -27.06
C ILE F 29 13.93 -2.69 -27.43
N THR F 30 13.97 -1.90 -28.51
CA THR F 30 15.23 -1.52 -29.12
C THR F 30 16.04 -0.60 -28.21
N LYS F 31 17.33 -0.52 -28.51
CA LYS F 31 18.21 0.39 -27.77
C LYS F 31 17.75 1.85 -27.86
N PRO F 32 17.42 2.39 -29.03
CA PRO F 32 16.95 3.79 -29.05
C PRO F 32 15.69 4.01 -28.24
N ALA F 33 14.82 3.01 -28.11
CA ALA F 33 13.62 3.17 -27.29
C ALA F 33 13.99 3.36 -25.83
N ILE F 34 14.89 2.52 -25.32
CA ILE F 34 15.36 2.67 -23.95
C ILE F 34 16.06 4.01 -23.78
N ARG F 35 16.80 4.43 -24.81
CA ARG F 35 17.45 5.73 -24.76
C ARG F 35 16.43 6.85 -24.63
N ARG F 36 15.34 6.77 -25.40
CA ARG F 36 14.30 7.78 -25.32
C ARG F 36 13.65 7.79 -23.95
N LEU F 37 13.40 6.60 -23.39
CA LEU F 37 12.82 6.53 -22.05
C LEU F 37 13.73 7.19 -21.02
N ALA F 38 15.02 6.90 -21.09
CA ALA F 38 15.96 7.52 -20.16
C ALA F 38 16.02 9.03 -20.36
N ARG F 39 15.96 9.47 -21.62
CA ARG F 39 15.96 10.91 -21.88
C ARG F 39 14.76 11.57 -21.24
N ARG F 40 13.58 10.96 -21.37
CA ARG F 40 12.42 11.48 -20.66
C ARG F 40 12.65 11.47 -19.16
N GLY F 41 13.38 10.47 -18.66
CA GLY F 41 13.71 10.43 -17.25
C GLY F 41 14.73 11.47 -16.82
N GLY F 42 15.37 12.15 -17.78
CA GLY F 42 16.34 13.17 -17.44
C GLY F 42 17.74 12.63 -17.28
N VAL F 43 18.12 11.69 -18.14
CA VAL F 43 19.41 11.02 -18.07
C VAL F 43 20.27 11.52 -19.22
N LYS F 44 21.46 12.01 -18.90
CA LYS F 44 22.35 12.59 -19.92
C LYS F 44 23.14 11.49 -20.63
N ARG F 45 23.98 10.78 -19.88
CA ARG F 45 24.79 9.71 -20.45
C ARG F 45 24.29 8.36 -20.01
N ILE F 46 24.58 7.34 -20.81
CA ILE F 46 24.05 5.99 -20.61
C ILE F 46 25.17 5.00 -20.84
N SER F 47 25.38 4.10 -19.88
CA SER F 47 26.37 3.06 -20.05
C SER F 47 25.87 1.98 -21.00
N GLY F 48 26.81 1.24 -21.59
CA GLY F 48 26.45 0.23 -22.57
C GLY F 48 25.66 -0.92 -21.99
N LEU F 49 25.92 -1.27 -20.74
CA LEU F 49 25.27 -2.42 -20.12
C LEU F 49 23.88 -2.10 -19.57
N ILE F 50 23.44 -0.85 -19.69
CA ILE F 50 22.16 -0.46 -19.12
C ILE F 50 21.01 -1.18 -19.81
N TYR F 51 21.13 -1.42 -21.12
CA TYR F 51 20.00 -1.88 -21.91
C TYR F 51 19.54 -3.27 -21.48
N GLU F 52 20.46 -4.19 -21.24
CA GLU F 52 20.07 -5.54 -20.82
C GLU F 52 19.40 -5.51 -19.46
N GLU F 53 19.93 -4.70 -18.54
CA GLU F 53 19.30 -4.57 -17.23
C GLU F 53 17.88 -4.02 -17.35
N THR F 54 17.71 -3.00 -18.21
CA THR F 54 16.38 -2.44 -18.41
C THR F 54 15.43 -3.46 -19.00
N ARG F 55 15.91 -4.25 -19.95
CA ARG F 55 15.06 -5.29 -20.53
C ARG F 55 14.63 -6.31 -19.48
N GLY F 56 15.57 -6.72 -18.62
CA GLY F 56 15.22 -7.64 -17.56
C GLY F 56 14.21 -7.06 -16.60
N VAL F 57 14.39 -5.80 -16.22
CA VAL F 57 13.47 -5.16 -15.28
C VAL F 57 12.08 -5.07 -15.90
N LEU F 58 12.01 -4.66 -17.16
CA LEU F 58 10.73 -4.56 -17.84
C LEU F 58 10.06 -5.92 -17.94
N LYS F 59 10.85 -6.96 -18.24
CA LYS F 59 10.28 -8.30 -18.32
C LYS F 59 9.70 -8.73 -16.98
N VAL F 60 10.40 -8.45 -15.89
CA VAL F 60 9.89 -8.84 -14.57
C VAL F 60 8.59 -8.10 -14.27
N PHE F 61 8.57 -6.79 -14.51
CA PHE F 61 7.37 -6.01 -14.22
C PHE F 61 6.19 -6.50 -15.05
N LEU F 62 6.41 -6.72 -16.33
CA LEU F 62 5.35 -7.20 -17.20
C LEU F 62 4.89 -8.58 -16.77
N GLU F 63 5.81 -9.44 -16.36
CA GLU F 63 5.44 -10.77 -15.92
C GLU F 63 4.49 -10.70 -14.73
N ASN F 64 4.84 -9.89 -13.73
CA ASN F 64 3.97 -9.78 -12.56
C ASN F 64 2.60 -9.25 -12.94
N VAL F 65 2.57 -8.13 -13.67
CA VAL F 65 1.28 -7.50 -13.98
C VAL F 65 0.42 -8.43 -14.84
N ILE F 66 1.03 -9.06 -15.83
CA ILE F 66 0.29 -9.92 -16.75
C ILE F 66 -0.20 -11.16 -16.03
N ARG F 67 0.59 -11.71 -15.11
CA ARG F 67 0.12 -12.87 -14.34
C ARG F 67 -1.12 -12.50 -13.54
N ASP F 68 -1.09 -11.34 -12.87
CA ASP F 68 -2.26 -10.94 -12.11
C ASP F 68 -3.47 -10.70 -13.01
N ALA F 69 -3.25 -10.05 -14.16
CA ALA F 69 -4.37 -9.78 -15.06
C ALA F 69 -4.95 -11.07 -15.63
N VAL F 70 -4.10 -12.03 -15.96
CA VAL F 70 -4.58 -13.30 -16.48
C VAL F 70 -5.34 -14.05 -15.41
N THR F 71 -4.90 -13.97 -14.15
CA THR F 71 -5.67 -14.59 -13.08
C THR F 71 -7.05 -13.95 -12.97
N TYR F 72 -7.10 -12.62 -13.05
CA TYR F 72 -8.37 -11.92 -12.97
C TYR F 72 -9.30 -12.37 -14.10
N THR F 73 -8.79 -12.46 -15.31
CA THR F 73 -9.62 -12.90 -16.43
C THR F 73 -9.94 -14.39 -16.35
N GLU F 74 -9.12 -15.17 -15.65
CA GLU F 74 -9.45 -16.56 -15.38
C GLU F 74 -10.68 -16.66 -14.50
N HIS F 75 -10.70 -15.89 -13.42
CA HIS F 75 -11.81 -16.01 -12.47
C HIS F 75 -13.14 -15.67 -13.11
N ALA F 76 -13.15 -14.75 -14.06
CA ALA F 76 -14.38 -14.39 -14.77
C ALA F 76 -14.76 -15.40 -15.83
N LYS F 77 -13.96 -16.45 -16.03
CA LYS F 77 -14.20 -17.46 -17.04
C LYS F 77 -14.28 -16.86 -18.44
N ARG F 78 -13.52 -15.79 -18.66
CA ARG F 78 -13.43 -15.17 -19.97
C ARG F 78 -12.20 -15.69 -20.69
N LYS F 79 -12.05 -15.32 -21.96
CA LYS F 79 -10.87 -15.65 -22.73
C LYS F 79 -10.21 -14.42 -23.32
N THR F 80 -10.69 -13.24 -22.97
CA THR F 80 -10.15 -11.98 -23.50
C THR F 80 -9.73 -11.11 -22.32
N VAL F 81 -8.46 -10.70 -22.31
CA VAL F 81 -7.95 -9.86 -21.24
C VAL F 81 -8.43 -8.43 -21.45
N THR F 82 -9.45 -8.02 -20.71
CA THR F 82 -9.97 -6.68 -20.85
C THR F 82 -9.04 -5.67 -20.19
N ALA F 83 -9.26 -4.39 -20.51
CA ALA F 83 -8.46 -3.34 -19.91
C ALA F 83 -8.72 -3.23 -18.41
N MET F 84 -9.96 -3.46 -17.99
CA MET F 84 -10.29 -3.38 -16.58
C MET F 84 -9.51 -4.41 -15.77
N ASP F 85 -9.24 -5.56 -16.36
CA ASP F 85 -8.39 -6.55 -15.69
C ASP F 85 -6.99 -6.01 -15.47
N VAL F 86 -6.44 -5.33 -16.47
CA VAL F 86 -5.12 -4.72 -16.31
C VAL F 86 -5.16 -3.66 -15.22
N VAL F 87 -6.23 -2.87 -15.18
CA VAL F 87 -6.34 -1.85 -14.15
C VAL F 87 -6.39 -2.48 -12.76
N TYR F 88 -7.15 -3.57 -12.62
CA TYR F 88 -7.22 -4.26 -11.33
C TYR F 88 -5.85 -4.80 -10.94
N ALA F 89 -5.15 -5.41 -11.90
CA ALA F 89 -3.83 -5.97 -11.60
C ALA F 89 -2.87 -4.87 -11.17
N LEU F 90 -2.93 -3.72 -11.83
CA LEU F 90 -2.09 -2.60 -11.47
C LEU F 90 -2.43 -2.10 -10.07
N LYS F 91 -3.73 -1.99 -9.75
CA LYS F 91 -4.14 -1.54 -8.43
C LYS F 91 -3.70 -2.53 -7.36
N ARG F 92 -3.55 -3.80 -7.72
CA ARG F 92 -3.06 -4.79 -6.76
C ARG F 92 -1.68 -4.41 -6.25
N GLN F 93 -0.79 -3.98 -7.14
CA GLN F 93 0.57 -3.63 -6.79
C GLN F 93 0.71 -2.17 -6.38
N GLY F 94 -0.38 -1.51 -5.99
CA GLY F 94 -0.31 -0.12 -5.60
C GLY F 94 0.08 0.82 -6.73
N ARG F 95 -0.42 0.56 -7.94
CA ARG F 95 -0.19 1.42 -9.09
C ARG F 95 -1.55 1.69 -9.73
N THR F 96 -2.26 2.70 -9.21
CA THR F 96 -3.55 3.04 -9.79
C THR F 96 -3.34 3.74 -11.12
N LEU F 97 -4.16 3.37 -12.10
CA LEU F 97 -4.07 3.92 -13.45
C LEU F 97 -5.40 4.57 -13.81
N TYR F 98 -5.33 5.74 -14.43
CA TYR F 98 -6.50 6.56 -14.70
C TYR F 98 -6.79 6.59 -16.20
N GLY F 99 -8.07 6.60 -16.54
CA GLY F 99 -8.49 6.84 -17.90
C GLY F 99 -8.64 5.59 -18.75
N PHE F 100 -9.27 4.56 -18.19
CA PHE F 100 -9.53 3.35 -18.96
C PHE F 100 -10.93 2.84 -18.63
N GLY F 101 -11.91 3.74 -18.65
CA GLY F 101 -13.30 3.38 -18.47
C GLY F 101 -13.60 2.78 -17.10
N GLY F 102 -12.88 3.24 -16.09
CA GLY F 102 -13.05 2.72 -14.74
C GLY F 102 -14.36 3.12 -14.09
N ALA G 14 -18.82 -36.28 15.38
CA ALA G 14 -18.34 -34.95 15.75
C ALA G 14 -19.11 -33.86 15.00
N LYS G 15 -19.81 -33.04 15.77
CA LYS G 15 -20.66 -31.99 15.20
C LYS G 15 -19.85 -31.04 14.34
N THR G 16 -18.62 -30.75 14.73
CA THR G 16 -17.85 -29.67 14.12
C THR G 16 -17.60 -29.93 12.64
N ARG G 17 -17.72 -28.88 11.85
CA ARG G 17 -17.40 -28.97 10.43
C ARG G 17 -15.90 -29.19 10.22
N SER G 18 -15.08 -28.71 11.15
CA SER G 18 -13.65 -28.94 11.03
C SER G 18 -13.32 -30.42 11.07
N SER G 19 -14.04 -31.19 11.89
CA SER G 19 -13.85 -32.63 11.91
C SER G 19 -14.21 -33.25 10.57
N ARG G 20 -15.27 -32.75 9.93
CA ARG G 20 -15.60 -33.21 8.59
C ARG G 20 -14.46 -32.91 7.62
N ALA G 21 -13.92 -31.70 7.69
CA ALA G 21 -12.86 -31.29 6.78
C ALA G 21 -11.49 -31.81 7.19
N GLY G 22 -11.39 -32.44 8.36
CA GLY G 22 -10.09 -32.93 8.82
C GLY G 22 -9.09 -31.82 9.08
N LEU G 23 -9.56 -30.67 9.53
CA LEU G 23 -8.69 -29.54 9.84
C LEU G 23 -8.56 -29.38 11.34
N GLN G 24 -7.79 -28.37 11.75
CA GLN G 24 -7.66 -28.01 13.15
C GLN G 24 -8.14 -26.60 13.42
N PHE G 25 -8.74 -25.93 12.45
CA PHE G 25 -9.19 -24.56 12.62
C PHE G 25 -10.71 -24.50 12.67
N PRO G 26 -11.26 -23.51 13.36
CA PRO G 26 -12.72 -23.48 13.59
C PRO G 26 -13.51 -23.05 12.37
N VAL G 27 -13.85 -24.00 11.50
CA VAL G 27 -14.59 -23.67 10.28
C VAL G 27 -15.83 -22.85 10.59
N GLY G 28 -16.54 -23.21 11.66
CA GLY G 28 -17.71 -22.43 12.04
C GLY G 28 -17.37 -21.00 12.38
N ARG G 29 -16.27 -20.78 13.10
CA ARG G 29 -15.88 -19.43 13.45
C ARG G 29 -15.52 -18.62 12.21
N VAL G 30 -14.82 -19.23 11.26
CA VAL G 30 -14.50 -18.52 10.02
C VAL G 30 -15.77 -18.18 9.26
N HIS G 31 -16.73 -19.11 9.23
CA HIS G 31 -17.99 -18.83 8.56
C HIS G 31 -18.70 -17.65 9.21
N ARG G 32 -18.74 -17.64 10.54
CA ARG G 32 -19.39 -16.53 11.23
C ARG G 32 -18.67 -15.22 10.98
N LEU G 33 -17.34 -15.23 10.98
CA LEU G 33 -16.59 -14.01 10.73
C LEU G 33 -16.85 -13.50 9.32
N LEU G 34 -16.89 -14.40 8.34
CA LEU G 34 -17.18 -13.99 6.96
C LEU G 34 -18.57 -13.39 6.87
N ARG G 35 -19.56 -14.03 7.51
CA ARG G 35 -20.91 -13.51 7.44
C ARG G 35 -21.06 -12.18 8.15
N LYS G 36 -20.30 -11.95 9.22
CA LYS G 36 -20.44 -10.75 10.01
C LYS G 36 -19.64 -9.57 9.44
N GLY G 37 -18.54 -9.85 8.76
CA GLY G 37 -17.71 -8.78 8.24
C GLY G 37 -18.27 -8.17 6.96
N ASN G 38 -19.49 -8.57 6.60
CA ASN G 38 -20.23 -8.10 5.44
C ASN G 38 -19.38 -7.95 4.18
N TYR G 39 -18.47 -8.90 3.96
CA TYR G 39 -17.68 -8.89 2.73
C TYR G 39 -18.55 -9.06 1.51
N ALA G 40 -19.63 -9.83 1.65
CA ALA G 40 -20.60 -9.98 0.57
C ALA G 40 -21.96 -10.23 1.18
N GLU G 41 -22.99 -10.16 0.34
CA GLU G 41 -24.35 -10.39 0.80
C GLU G 41 -24.53 -11.82 1.31
N ARG G 42 -23.95 -12.79 0.59
CA ARG G 42 -24.06 -14.19 0.96
C ARG G 42 -22.68 -14.82 0.98
N VAL G 43 -22.58 -15.97 1.64
CA VAL G 43 -21.32 -16.70 1.77
C VAL G 43 -21.59 -18.17 1.45
N GLY G 44 -20.86 -18.70 0.48
CA GLY G 44 -21.05 -20.10 0.11
C GLY G 44 -20.62 -21.04 1.21
N ALA G 45 -21.09 -22.28 1.11
CA ALA G 45 -20.77 -23.27 2.14
C ALA G 45 -19.32 -23.70 2.07
N GLY G 46 -18.74 -23.78 0.87
CA GLY G 46 -17.37 -24.24 0.74
C GLY G 46 -16.33 -23.23 1.16
N ALA G 47 -16.65 -21.95 1.05
CA ALA G 47 -15.68 -20.89 1.33
C ALA G 47 -15.05 -20.98 2.71
N PRO G 48 -15.81 -21.15 3.80
CA PRO G 48 -15.15 -21.28 5.10
C PRO G 48 -14.17 -22.44 5.16
N VAL G 49 -14.48 -23.55 4.50
CA VAL G 49 -13.58 -24.71 4.53
C VAL G 49 -12.26 -24.37 3.85
N TYR G 50 -12.35 -23.77 2.66
CA TYR G 50 -11.14 -23.39 1.93
C TYR G 50 -10.32 -22.40 2.74
N LEU G 51 -10.98 -21.39 3.30
CA LEU G 51 -10.24 -20.37 4.05
C LEU G 51 -9.58 -20.94 5.29
N ALA G 52 -10.29 -21.81 6.01
CA ALA G 52 -9.71 -22.43 7.19
C ALA G 52 -8.52 -23.30 6.80
N ALA G 53 -8.63 -24.05 5.70
CA ALA G 53 -7.51 -24.88 5.28
C ALA G 53 -6.30 -24.03 4.93
N VAL G 54 -6.52 -22.92 4.23
CA VAL G 54 -5.41 -22.06 3.85
C VAL G 54 -4.75 -21.46 5.09
N LEU G 55 -5.56 -20.98 6.03
CA LEU G 55 -5.00 -20.41 7.26
C LEU G 55 -4.22 -21.45 8.04
N GLU G 56 -4.75 -22.67 8.14
CA GLU G 56 -4.06 -23.72 8.86
C GLU G 56 -2.73 -24.06 8.20
N TYR G 57 -2.72 -24.16 6.86
CA TYR G 57 -1.48 -24.47 6.18
C TYR G 57 -0.44 -23.37 6.39
N LEU G 58 -0.86 -22.11 6.28
CA LEU G 58 0.08 -21.02 6.48
C LEU G 58 0.64 -21.03 7.89
N THR G 59 -0.22 -21.24 8.88
CA THR G 59 0.23 -21.29 10.27
C THR G 59 1.22 -22.42 10.48
N ALA G 60 0.91 -23.61 9.93
CA ALA G 60 1.84 -24.73 10.06
C ALA G 60 3.17 -24.42 9.40
N GLU G 61 3.12 -23.79 8.23
CA GLU G 61 4.35 -23.48 7.50
C GLU G 61 5.24 -22.54 8.29
N ILE G 62 4.66 -21.48 8.86
CA ILE G 62 5.50 -20.55 9.62
C ILE G 62 5.97 -21.19 10.92
N LEU G 63 5.09 -21.96 11.57
CA LEU G 63 5.44 -22.55 12.86
C LEU G 63 6.54 -23.59 12.73
N GLU G 64 6.57 -24.34 11.63
CA GLU G 64 7.64 -25.32 11.45
C GLU G 64 9.00 -24.64 11.41
N LEU G 65 9.12 -23.57 10.62
CA LEU G 65 10.37 -22.83 10.55
C LEU G 65 10.71 -22.19 11.88
N ALA G 66 9.70 -21.67 12.58
CA ALA G 66 9.95 -21.09 13.89
C ALA G 66 10.49 -22.14 14.87
N GLY G 67 9.92 -23.34 14.84
CA GLY G 67 10.41 -24.40 15.69
C GLY G 67 11.83 -24.81 15.33
N ASN G 68 12.14 -24.85 14.05
CA ASN G 68 13.51 -25.14 13.63
C ASN G 68 14.47 -24.10 14.16
N ALA G 69 14.10 -22.82 14.05
CA ALA G 69 14.95 -21.75 14.55
C ALA G 69 15.13 -21.85 16.06
N ALA G 70 14.04 -22.14 16.77
CA ALA G 70 14.15 -22.28 18.22
C ALA G 70 15.05 -23.43 18.61
N ARG G 71 14.96 -24.55 17.90
CA ARG G 71 15.84 -25.68 18.17
C ARG G 71 17.29 -25.32 17.88
N ASP G 72 17.51 -24.53 16.83
CA ASP G 72 18.88 -24.09 16.54
C ASP G 72 19.44 -23.25 17.67
N ASN G 73 18.61 -22.44 18.31
CA ASN G 73 19.02 -21.60 19.42
C ASN G 73 19.03 -22.35 20.74
N LYS G 74 18.97 -23.68 20.71
CA LYS G 74 19.00 -24.52 21.90
C LYS G 74 17.87 -24.22 22.88
N LYS G 75 16.82 -23.56 22.41
CA LYS G 75 15.65 -23.28 23.23
C LYS G 75 14.54 -24.27 22.88
N THR G 76 13.44 -24.21 23.63
CA THR G 76 12.28 -25.03 23.34
C THR G 76 10.99 -24.26 23.51
N ARG G 77 11.04 -22.94 23.34
CA ARG G 77 9.85 -22.09 23.40
C ARG G 77 9.95 -21.05 22.31
N ILE G 78 8.95 -21.01 21.43
CA ILE G 78 8.94 -20.01 20.37
C ILE G 78 8.80 -18.63 20.97
N ILE G 79 9.70 -17.74 20.58
CA ILE G 79 9.65 -16.34 21.02
C ILE G 79 9.72 -15.46 19.77
N PRO G 80 9.27 -14.21 19.87
CA PRO G 80 9.20 -13.36 18.67
C PRO G 80 10.49 -13.31 17.87
N ARG G 81 11.65 -13.45 18.51
CA ARG G 81 12.90 -13.49 17.77
C ARG G 81 12.92 -14.68 16.82
N HIS G 82 12.45 -15.83 17.28
CA HIS G 82 12.42 -17.01 16.42
C HIS G 82 11.46 -16.81 15.26
N LEU G 83 10.30 -16.21 15.50
CA LEU G 83 9.36 -15.93 14.42
C LEU G 83 9.98 -14.99 13.39
N GLN G 84 10.67 -13.95 13.86
CA GLN G 84 11.31 -13.02 12.94
C GLN G 84 12.38 -13.72 12.11
N LEU G 85 13.19 -14.57 12.75
CA LEU G 85 14.22 -15.29 12.01
C LEU G 85 13.59 -16.19 10.97
N ALA G 86 12.54 -16.92 11.34
CA ALA G 86 11.89 -17.83 10.40
C ALA G 86 11.30 -17.07 9.23
N VAL G 87 10.67 -15.91 9.49
CA VAL G 87 10.05 -15.15 8.42
C VAL G 87 11.11 -14.58 7.48
N ARG G 88 12.15 -13.97 8.05
CA ARG G 88 13.16 -13.33 7.20
C ARG G 88 14.09 -14.30 6.53
N ASN G 89 14.13 -15.57 6.96
CA ASN G 89 15.00 -16.57 6.35
C ASN G 89 14.25 -17.45 5.36
N ASP G 90 13.22 -16.91 4.71
CA ASP G 90 12.50 -17.62 3.67
C ASP G 90 11.98 -16.57 2.70
N GLU G 91 12.34 -16.71 1.43
CA GLU G 91 11.99 -15.70 0.44
C GLU G 91 10.48 -15.58 0.30
N GLU G 92 9.76 -16.70 0.31
CA GLU G 92 8.33 -16.66 0.10
C GLU G 92 7.63 -15.92 1.24
N LEU G 93 7.91 -16.32 2.47
CA LEU G 93 7.28 -15.68 3.61
C LEU G 93 7.71 -14.23 3.74
N ASN G 94 8.98 -13.95 3.48
CA ASN G 94 9.46 -12.57 3.54
C ASN G 94 8.72 -11.71 2.53
N LYS G 95 8.51 -12.23 1.32
CA LYS G 95 7.72 -11.51 0.34
C LYS G 95 6.29 -11.32 0.81
N LEU G 96 5.71 -12.33 1.46
CA LEU G 96 4.36 -12.20 1.97
C LEU G 96 4.28 -11.15 3.07
N LEU G 97 5.15 -11.25 4.07
CA LEU G 97 5.20 -10.27 5.16
C LEU G 97 6.25 -9.20 4.89
N GLY G 98 6.18 -8.58 3.71
CA GLY G 98 7.15 -7.56 3.37
C GLY G 98 7.01 -6.31 4.21
N ARG G 99 5.77 -5.89 4.47
CA ARG G 99 5.50 -4.64 5.17
C ARG G 99 5.17 -4.85 6.64
N VAL G 100 5.44 -6.03 7.17
CA VAL G 100 5.07 -6.37 8.54
C VAL G 100 6.25 -6.15 9.46
N THR G 101 5.99 -5.57 10.63
CA THR G 101 6.99 -5.36 11.65
C THR G 101 6.62 -6.21 12.86
N ILE G 102 7.53 -7.11 13.25
CA ILE G 102 7.30 -8.00 14.37
C ILE G 102 7.89 -7.37 15.62
N ALA G 103 7.06 -7.20 16.64
CA ALA G 103 7.52 -6.59 17.87
C ALA G 103 8.55 -7.46 18.56
N GLN G 104 9.63 -6.84 19.04
CA GLN G 104 10.72 -7.53 19.71
C GLN G 104 11.32 -8.64 18.84
N GLY G 105 11.31 -8.44 17.53
CA GLY G 105 11.82 -9.44 16.61
C GLY G 105 13.26 -9.24 16.24
N GLY G 106 13.77 -8.02 16.43
CA GLY G 106 15.14 -7.76 16.01
C GLY G 106 15.25 -7.74 14.49
N VAL G 107 16.49 -7.90 14.03
CA VAL G 107 16.79 -7.89 12.60
C VAL G 107 17.63 -9.11 12.26
N LEU G 108 17.65 -9.44 10.98
CA LEU G 108 18.46 -10.56 10.52
C LEU G 108 19.93 -10.20 10.62
N PRO G 109 20.75 -11.03 11.24
CA PRO G 109 22.17 -10.69 11.40
C PRO G 109 22.94 -10.75 10.09
N ASN G 110 23.34 -9.59 9.58
CA ASN G 110 24.15 -9.53 8.37
C ASN G 110 24.99 -8.26 8.41
N ILE G 111 26.14 -8.31 7.73
CA ILE G 111 27.07 -7.20 7.68
C ILE G 111 27.58 -7.08 6.26
N GLN G 112 27.61 -5.86 5.73
CA GLN G 112 28.11 -5.64 4.38
C GLN G 112 29.58 -6.02 4.30
N SER G 113 29.96 -6.64 3.17
CA SER G 113 31.28 -7.24 3.05
C SER G 113 32.38 -6.19 3.16
N VAL G 114 32.18 -5.02 2.53
CA VAL G 114 33.23 -4.01 2.49
C VAL G 114 33.56 -3.47 3.87
N LEU G 115 32.65 -3.63 4.83
CA LEU G 115 32.91 -3.14 6.18
C LEU G 115 33.88 -4.03 6.94
N LEU G 116 33.95 -5.31 6.59
CA LEU G 116 34.82 -6.23 7.29
C LEU G 116 36.28 -5.85 7.08
N PRO G 117 37.14 -6.08 8.06
CA PRO G 117 38.56 -5.77 7.90
C PRO G 117 39.22 -6.69 6.89
N LYS G 118 40.36 -6.25 6.39
CA LYS G 118 41.11 -7.01 5.39
C LYS G 118 41.53 -8.37 5.93
N THR H 32 -17.49 -9.58 27.88
CA THR H 32 -16.38 -10.06 28.71
C THR H 32 -15.88 -11.41 28.23
N ARG H 33 -15.92 -11.63 26.91
CA ARG H 33 -15.49 -12.88 26.30
C ARG H 33 -14.66 -12.56 25.07
N LYS H 34 -13.34 -12.71 25.18
CA LYS H 34 -12.46 -12.56 24.04
C LYS H 34 -12.37 -13.86 23.24
N GLU H 35 -12.22 -13.71 21.93
CA GLU H 35 -12.00 -14.83 21.04
C GLU H 35 -10.61 -14.73 20.41
N SER H 36 -10.00 -15.88 20.17
CA SER H 36 -8.66 -15.92 19.62
C SER H 36 -8.46 -17.26 18.92
N TYR H 37 -7.31 -17.40 18.26
CA TYR H 37 -6.91 -18.66 17.65
C TYR H 37 -5.85 -19.37 18.47
N ALA H 38 -5.71 -18.99 19.75
CA ALA H 38 -4.62 -19.53 20.56
C ALA H 38 -4.69 -21.05 20.65
N ILE H 39 -5.88 -21.58 20.91
CA ILE H 39 -6.02 -23.03 21.05
C ILE H 39 -5.66 -23.73 19.75
N TYR H 40 -6.18 -23.23 18.63
CA TYR H 40 -5.94 -23.88 17.34
C TYR H 40 -4.48 -23.79 16.94
N VAL H 41 -3.86 -22.63 17.16
CA VAL H 41 -2.43 -22.50 16.89
C VAL H 41 -1.65 -23.49 17.74
N TYR H 42 -2.07 -23.67 19.00
CA TYR H 42 -1.39 -24.62 19.86
C TYR H 42 -1.50 -26.04 19.35
N LYS H 43 -2.69 -26.44 18.90
CA LYS H 43 -2.85 -27.78 18.34
C LYS H 43 -2.00 -27.96 17.09
N VAL H 44 -1.97 -26.95 16.23
CA VAL H 44 -1.15 -27.06 15.02
C VAL H 44 0.32 -27.20 15.39
N LEU H 45 0.79 -26.42 16.36
CA LEU H 45 2.17 -26.50 16.78
C LEU H 45 2.49 -27.88 17.35
N LYS H 46 1.62 -28.38 18.22
CA LYS H 46 1.85 -29.71 18.80
C LYS H 46 1.82 -30.79 17.75
N GLN H 47 1.08 -30.59 16.66
CA GLN H 47 1.08 -31.56 15.57
C GLN H 47 2.35 -31.48 14.74
N VAL H 48 2.88 -30.28 14.54
CA VAL H 48 4.07 -30.12 13.70
C VAL H 48 5.35 -30.35 14.50
N HIS H 49 5.49 -29.66 15.64
CA HIS H 49 6.61 -29.90 16.56
C HIS H 49 6.06 -30.51 17.84
N PRO H 50 6.26 -31.80 18.08
CA PRO H 50 5.53 -32.47 19.16
C PRO H 50 6.00 -32.12 20.56
N ASP H 51 7.10 -31.36 20.71
CA ASP H 51 7.64 -31.07 22.02
C ASP H 51 7.98 -29.60 22.24
N THR H 52 7.65 -28.72 21.30
CA THR H 52 8.02 -27.32 21.39
C THR H 52 6.85 -26.49 21.92
N GLY H 53 7.15 -25.57 22.83
CA GLY H 53 6.17 -24.64 23.33
C GLY H 53 6.30 -23.28 22.67
N ILE H 54 5.38 -22.40 23.03
CA ILE H 54 5.31 -21.06 22.44
C ILE H 54 5.01 -20.06 23.53
N SER H 55 5.75 -18.94 23.53
CA SER H 55 5.54 -17.90 24.51
C SER H 55 4.24 -17.15 24.26
N SER H 56 3.78 -16.44 25.29
CA SER H 56 2.54 -15.68 25.17
C SER H 56 2.65 -14.58 24.12
N LYS H 57 3.79 -13.87 24.11
CA LYS H 57 3.98 -12.83 23.11
C LYS H 57 3.99 -13.42 21.70
N ALA H 58 4.66 -14.56 21.53
CA ALA H 58 4.67 -15.21 20.22
C ALA H 58 3.27 -15.69 19.86
N MET H 59 2.50 -16.15 20.84
CA MET H 59 1.13 -16.57 20.57
C MET H 59 0.30 -15.39 20.09
N SER H 60 0.44 -14.24 20.74
CA SER H 60 -0.28 -13.05 20.29
C SER H 60 0.14 -12.64 18.90
N ILE H 61 1.43 -12.75 18.60
CA ILE H 61 1.93 -12.39 17.28
C ILE H 61 1.33 -13.31 16.22
N MET H 62 1.28 -14.61 16.51
CA MET H 62 0.68 -15.55 15.57
C MET H 62 -0.81 -15.28 15.40
N ASN H 63 -1.50 -14.92 16.49
CA ASN H 63 -2.91 -14.58 16.39
C ASN H 63 -3.11 -13.39 15.47
N SER H 64 -2.29 -12.36 15.64
CA SER H 64 -2.40 -11.18 14.78
C SER H 64 -2.09 -11.53 13.34
N PHE H 65 -1.11 -12.42 13.11
CA PHE H 65 -0.76 -12.83 11.76
C PHE H 65 -1.93 -13.55 11.10
N VAL H 66 -2.57 -14.46 11.83
CA VAL H 66 -3.72 -15.17 11.29
C VAL H 66 -4.83 -14.19 10.94
N ASN H 67 -5.10 -13.24 11.84
CA ASN H 67 -6.13 -12.25 11.57
C ASN H 67 -5.80 -11.43 10.34
N ASP H 68 -4.54 -11.03 10.19
CA ASP H 68 -4.15 -10.21 9.05
C ASP H 68 -4.33 -10.97 7.74
N VAL H 69 -3.86 -12.23 7.71
CA VAL H 69 -4.00 -13.02 6.48
C VAL H 69 -5.47 -13.24 6.15
N PHE H 70 -6.28 -13.54 7.17
CA PHE H 70 -7.70 -13.72 6.95
C PHE H 70 -8.32 -12.46 6.37
N GLU H 71 -7.98 -11.31 6.92
CA GLU H 71 -8.54 -10.06 6.43
C GLU H 71 -8.12 -9.80 4.98
N ARG H 72 -6.85 -10.05 4.67
CA ARG H 72 -6.39 -9.84 3.30
C ARG H 72 -7.17 -10.71 2.33
N ILE H 73 -7.25 -12.01 2.62
CA ILE H 73 -7.91 -12.94 1.70
C ILE H 73 -9.38 -12.60 1.57
N ALA H 74 -10.05 -12.31 2.69
CA ALA H 74 -11.47 -12.00 2.64
C ALA H 74 -11.73 -10.72 1.86
N GLY H 75 -10.90 -9.69 2.06
CA GLY H 75 -11.07 -8.46 1.31
C GLY H 75 -10.88 -8.66 -0.17
N GLU H 76 -9.87 -9.45 -0.55
CA GLU H 76 -9.66 -9.73 -1.96
C GLU H 76 -10.84 -10.50 -2.54
N ALA H 77 -11.37 -11.46 -1.80
CA ALA H 77 -12.53 -12.21 -2.27
C ALA H 77 -13.73 -11.30 -2.44
N SER H 78 -13.93 -10.37 -1.49
CA SER H 78 -15.05 -9.44 -1.60
C SER H 78 -14.91 -8.56 -2.84
N ARG H 79 -13.70 -8.05 -3.07
CA ARG H 79 -13.46 -7.24 -4.25
C ARG H 79 -13.71 -8.04 -5.53
N LEU H 80 -13.27 -9.30 -5.53
CA LEU H 80 -13.49 -10.16 -6.68
C LEU H 80 -14.97 -10.37 -6.94
N ALA H 81 -15.74 -10.63 -5.89
CA ALA H 81 -17.18 -10.84 -6.05
C ALA H 81 -17.85 -9.58 -6.57
N HIS H 82 -17.49 -8.43 -6.02
CA HIS H 82 -18.10 -7.18 -6.46
C HIS H 82 -17.71 -6.85 -7.90
N TYR H 83 -16.53 -7.30 -8.33
CA TYR H 83 -16.08 -7.00 -9.68
C TYR H 83 -16.89 -7.76 -10.72
N ASN H 84 -17.26 -9.00 -10.42
CA ASN H 84 -17.98 -9.85 -11.37
C ASN H 84 -19.49 -9.81 -11.15
N LYS H 85 -19.99 -8.78 -10.48
CA LYS H 85 -21.42 -8.59 -10.23
C LYS H 85 -22.04 -9.73 -9.44
N ARG H 86 -21.24 -10.61 -8.86
CA ARG H 86 -21.77 -11.68 -8.04
C ARG H 86 -22.15 -11.13 -6.66
N SER H 87 -22.75 -11.98 -5.84
CA SER H 87 -23.15 -11.58 -4.51
C SER H 87 -22.81 -12.59 -3.43
N THR H 88 -22.25 -13.75 -3.79
CA THR H 88 -21.87 -14.76 -2.82
C THR H 88 -20.38 -15.08 -2.97
N ILE H 89 -19.71 -15.22 -1.83
CA ILE H 89 -18.30 -15.60 -1.81
C ILE H 89 -18.24 -17.12 -1.81
N THR H 90 -17.85 -17.70 -2.94
CA THR H 90 -17.76 -19.14 -3.08
C THR H 90 -16.32 -19.60 -2.89
N SER H 91 -16.12 -20.92 -3.03
CA SER H 91 -14.77 -21.46 -2.93
C SER H 91 -13.88 -20.95 -4.05
N ARG H 92 -14.44 -20.80 -5.26
CA ARG H 92 -13.64 -20.34 -6.38
C ARG H 92 -13.06 -18.96 -6.11
N GLU H 93 -13.86 -18.06 -5.55
CA GLU H 93 -13.38 -16.71 -5.28
C GLU H 93 -12.27 -16.73 -4.24
N ILE H 94 -12.41 -17.53 -3.20
CA ILE H 94 -11.39 -17.60 -2.17
C ILE H 94 -10.10 -18.17 -2.76
N GLN H 95 -10.22 -19.19 -3.61
CA GLN H 95 -9.05 -19.76 -4.25
C GLN H 95 -8.35 -18.75 -5.13
N THR H 96 -9.11 -17.98 -5.90
CA THR H 96 -8.51 -16.96 -6.76
C THR H 96 -7.84 -15.88 -5.92
N ALA H 97 -8.45 -15.49 -4.81
CA ALA H 97 -7.81 -14.51 -3.93
C ALA H 97 -6.51 -15.05 -3.37
N VAL H 98 -6.49 -16.33 -3.00
CA VAL H 98 -5.26 -16.94 -2.49
C VAL H 98 -4.19 -16.91 -3.58
N ARG H 99 -4.56 -17.27 -4.81
CA ARG H 99 -3.62 -17.27 -5.90
C ARG H 99 -3.11 -15.86 -6.20
N LEU H 100 -3.94 -14.84 -5.94
CA LEU H 100 -3.50 -13.47 -6.13
C LEU H 100 -2.55 -13.01 -5.04
N LEU H 101 -2.76 -13.45 -3.80
CA LEU H 101 -2.02 -12.92 -2.67
C LEU H 101 -0.71 -13.68 -2.43
N LEU H 102 -0.80 -14.98 -2.22
CA LEU H 102 0.37 -15.75 -1.84
C LEU H 102 1.34 -15.85 -3.01
N PRO H 103 2.63 -15.66 -2.77
CA PRO H 103 3.60 -15.72 -3.87
C PRO H 103 4.07 -17.11 -4.22
N GLY H 104 3.71 -17.59 -5.40
CA GLY H 104 4.36 -18.75 -5.98
C GLY H 104 4.08 -20.09 -5.31
N GLU H 105 5.16 -20.73 -4.85
CA GLU H 105 5.04 -22.09 -4.32
C GLU H 105 4.13 -22.13 -3.10
N LEU H 106 4.16 -21.08 -2.27
CA LEU H 106 3.21 -20.97 -1.18
C LEU H 106 1.78 -21.02 -1.70
N ALA H 107 1.49 -20.26 -2.76
CA ALA H 107 0.15 -20.25 -3.33
C ALA H 107 -0.22 -21.63 -3.86
N LYS H 108 0.71 -22.29 -4.53
CA LYS H 108 0.41 -23.60 -5.09
C LYS H 108 0.06 -24.60 -4.00
N HIS H 109 0.88 -24.65 -2.95
CA HIS H 109 0.62 -25.59 -1.87
C HIS H 109 -0.68 -25.26 -1.14
N ALA H 110 -0.94 -23.97 -0.90
CA ALA H 110 -2.16 -23.59 -0.23
C ALA H 110 -3.38 -23.95 -1.05
N VAL H 111 -3.31 -23.77 -2.36
CA VAL H 111 -4.41 -24.14 -3.24
C VAL H 111 -4.65 -25.64 -3.17
N SER H 112 -3.58 -26.42 -3.21
CA SER H 112 -3.74 -27.88 -3.12
C SER H 112 -4.39 -28.26 -1.80
N GLU H 113 -3.94 -27.66 -0.70
CA GLU H 113 -4.48 -27.98 0.61
C GLU H 113 -5.96 -27.65 0.68
N GLY H 114 -6.33 -26.45 0.22
CA GLY H 114 -7.73 -26.05 0.27
C GLY H 114 -8.60 -26.93 -0.60
N THR H 115 -8.14 -27.27 -1.79
CA THR H 115 -8.92 -28.14 -2.67
C THR H 115 -9.14 -29.50 -2.04
N LYS H 116 -8.08 -30.08 -1.46
CA LYS H 116 -8.22 -31.36 -0.79
C LYS H 116 -9.21 -31.26 0.37
N ALA H 117 -9.12 -30.18 1.15
CA ALA H 117 -10.02 -30.03 2.28
C ALA H 117 -11.47 -29.93 1.83
N VAL H 118 -11.73 -29.17 0.77
CA VAL H 118 -13.11 -29.02 0.31
C VAL H 118 -13.63 -30.33 -0.25
N THR H 119 -12.80 -31.06 -0.99
CA THR H 119 -13.24 -32.36 -1.51
C THR H 119 -13.57 -33.31 -0.37
N LYS H 120 -12.71 -33.34 0.66
CA LYS H 120 -12.97 -34.21 1.79
C LYS H 120 -14.25 -33.80 2.51
N TYR H 121 -14.47 -32.50 2.70
CA TYR H 121 -15.67 -32.03 3.39
C TYR H 121 -16.93 -32.39 2.60
N THR H 122 -16.90 -32.19 1.29
CA THR H 122 -18.07 -32.51 0.48
C THR H 122 -18.31 -34.01 0.41
N SER H 123 -17.24 -34.81 0.49
CA SER H 123 -17.42 -36.26 0.46
C SER H 123 -18.24 -36.74 1.66
N ALA H 124 -18.01 -36.16 2.83
CA ALA H 124 -18.75 -36.53 4.02
C ALA H 124 -20.15 -35.91 4.01
N SER K 2 -2.77 30.49 2.30
CA SER K 2 -2.10 30.71 1.03
C SER K 2 -3.10 31.04 -0.08
N GLY K 3 -2.70 30.76 -1.33
CA GLY K 3 -3.59 31.02 -2.45
C GLY K 3 -4.78 30.08 -2.53
N ARG K 4 -4.67 28.89 -1.94
CA ARG K 4 -5.79 27.95 -1.96
C ARG K 4 -6.95 28.48 -1.12
N SER K 5 -6.67 29.06 0.04
CA SER K 5 -7.73 29.61 0.88
C SER K 5 -8.44 30.77 0.20
N VAL K 6 -7.69 31.64 -0.49
CA VAL K 6 -8.31 32.69 -1.27
C VAL K 6 -9.12 32.10 -2.42
N ARG K 7 -8.67 30.98 -2.98
CA ARG K 7 -9.36 30.33 -4.08
C ARG K 7 -10.54 29.49 -3.60
N ALA K 8 -10.42 28.83 -2.45
CA ALA K 8 -11.51 27.98 -1.96
C ALA K 8 -12.74 28.82 -1.61
N GLU K 9 -12.53 29.97 -0.97
CA GLU K 9 -13.66 30.83 -0.62
C GLU K 9 -14.35 31.37 -1.87
N THR K 10 -13.57 31.76 -2.87
CA THR K 10 -14.13 32.25 -4.12
C THR K 10 -14.66 31.09 -4.95
N ARG K 11 -15.93 30.74 -4.76
CA ARG K 11 -16.56 29.63 -5.46
C ARG K 11 -17.58 30.06 -6.49
N SER K 12 -18.40 31.06 -6.18
CA SER K 12 -19.41 31.54 -7.12
C SER K 12 -18.79 32.46 -8.17
N LYS L 1 -6.79 -41.56 7.17
CA LYS L 1 -6.56 -40.31 7.87
C LYS L 1 -7.66 -39.30 7.57
N ASP L 2 -8.47 -39.60 6.56
CA ASP L 2 -9.57 -38.73 6.16
C ASP L 2 -10.93 -39.39 6.31
N ASP L 3 -11.06 -40.65 5.86
CA ASP L 3 -12.33 -41.35 5.97
C ASP L 3 -12.73 -41.55 7.42
N ILE L 4 -11.77 -41.86 8.29
CA ILE L 4 -12.06 -42.05 9.71
C ILE L 4 -12.56 -40.75 10.32
N LYS L 5 -11.91 -39.63 9.98
CA LYS L 5 -12.35 -38.33 10.48
C LYS L 5 -13.75 -38.00 10.00
N ARG L 6 -14.03 -38.25 8.71
CA ARG L 6 -15.36 -37.98 8.18
C ARG L 6 -16.43 -38.82 8.87
N VAL L 7 -16.14 -40.11 9.08
CA VAL L 7 -17.10 -40.99 9.75
C VAL L 7 -17.34 -40.54 11.18
N MET L 8 -16.26 -40.19 11.90
CA MET L 8 -16.42 -39.71 13.27
C MET L 8 -17.21 -38.41 13.32
N ALA L 9 -17.02 -37.53 12.34
CA ALA L 9 -17.78 -36.29 12.30
C ALA L 9 -19.25 -36.55 11.99
N ALA L 10 -19.53 -37.52 11.14
CA ALA L 10 -20.91 -37.84 10.76
C ALA L 10 -21.56 -38.84 11.70
N ILE L 11 -20.86 -39.28 12.76
CA ILE L 11 -21.38 -40.32 13.64
C ILE L 11 -22.15 -39.72 14.81
N GLU L 12 -21.47 -38.91 15.62
CA GLU L 12 -22.03 -38.42 16.89
C GLU L 12 -22.99 -37.25 16.73
N LYS L 13 -23.26 -36.77 15.52
CA LYS L 13 -24.14 -35.62 15.33
C LYS L 13 -25.56 -35.92 15.80
N VAL L 14 -26.23 -36.87 15.17
CA VAL L 14 -27.60 -37.19 15.54
C VAL L 14 -27.70 -37.83 16.92
N ARG L 15 -26.60 -38.35 17.44
CA ARG L 15 -26.60 -39.00 18.75
C ARG L 15 -26.14 -38.00 19.82
N LYS L 16 -27.04 -37.08 20.13
CA LYS L 16 -26.79 -36.06 21.15
C LYS L 16 -28.08 -35.44 21.63
N SER M 2 10.47 -28.25 -5.13
CA SER M 2 11.73 -28.26 -4.40
C SER M 2 11.64 -29.13 -3.15
N GLY M 3 12.50 -28.84 -2.17
CA GLY M 3 12.47 -29.59 -0.93
C GLY M 3 11.27 -29.31 -0.06
N ARG M 4 10.64 -28.15 -0.22
CA ARG M 4 9.45 -27.83 0.56
C ARG M 4 8.29 -28.74 0.18
N SER M 5 8.10 -29.00 -1.11
CA SER M 5 7.02 -29.87 -1.54
C SER M 5 7.21 -31.30 -1.04
N VAL M 6 8.46 -31.79 -1.04
CA VAL M 6 8.73 -33.10 -0.46
C VAL M 6 8.50 -33.06 1.04
N ARG M 7 8.76 -31.93 1.68
CA ARG M 7 8.57 -31.78 3.12
C ARG M 7 7.11 -31.52 3.49
N ALA M 8 6.38 -30.77 2.67
CA ALA M 8 4.99 -30.47 2.99
C ALA M 8 4.12 -31.72 2.94
N GLU M 9 4.35 -32.58 1.94
CA GLU M 9 3.58 -33.82 1.86
C GLU M 9 3.87 -34.74 3.03
N THR M 10 5.14 -34.83 3.43
CA THR M 10 5.52 -35.65 4.57
C THR M 10 5.13 -34.95 5.86
N ARG M 11 3.93 -35.20 6.35
CA ARG M 11 3.41 -34.58 7.56
C ARG M 11 3.30 -35.54 8.73
N SER M 12 2.85 -36.77 8.50
CA SER M 12 2.70 -37.75 9.56
C SER M 12 4.04 -38.39 9.90
N LYS N 1 -24.98 30.44 0.28
CA LYS N 1 -26.05 31.43 0.19
C LYS N 1 -27.04 31.08 -0.91
N ASP N 2 -27.42 29.80 -0.97
CA ASP N 2 -28.38 29.33 -1.97
C ASP N 2 -29.65 28.82 -1.30
N ASP N 3 -30.15 29.58 -0.32
CA ASP N 3 -31.39 29.20 0.34
C ASP N 3 -32.56 29.20 -0.64
N ILE N 4 -32.55 30.14 -1.60
CA ILE N 4 -33.58 30.15 -2.64
C ILE N 4 -33.51 28.88 -3.48
N LYS N 5 -32.29 28.45 -3.83
CA LYS N 5 -32.13 27.21 -4.59
C LYS N 5 -32.61 26.01 -3.78
N ARG N 6 -32.31 25.99 -2.48
CA ARG N 6 -32.79 24.89 -1.63
C ARG N 6 -34.31 24.86 -1.56
N VAL N 7 -34.93 26.04 -1.43
CA VAL N 7 -36.38 26.12 -1.39
C VAL N 7 -36.98 25.65 -2.72
N MET N 8 -36.38 26.06 -3.84
CA MET N 8 -36.87 25.62 -5.14
C MET N 8 -36.76 24.11 -5.29
N ALA N 9 -35.63 23.54 -4.85
CA ALA N 9 -35.46 22.09 -4.90
C ALA N 9 -36.50 21.38 -4.04
N ALA N 10 -36.76 21.91 -2.85
CA ALA N 10 -37.82 21.37 -2.00
C ALA N 10 -39.20 21.55 -2.62
N ILE N 11 -39.34 22.50 -3.54
CA ILE N 11 -40.62 22.71 -4.22
C ILE N 11 -40.65 21.96 -5.55
N GLU N 12 -39.59 22.09 -6.36
CA GLU N 12 -39.57 21.46 -7.67
C GLU N 12 -39.65 19.94 -7.56
N LYS N 13 -38.82 19.35 -6.69
CA LYS N 13 -38.92 17.92 -6.47
C LYS N 13 -40.27 17.53 -5.90
N VAL N 14 -40.89 18.42 -5.12
CA VAL N 14 -42.22 18.17 -4.60
C VAL N 14 -43.30 18.54 -5.61
N ARG N 15 -43.01 19.48 -6.52
CA ARG N 15 -43.95 19.78 -7.60
C ARG N 15 -44.15 18.57 -8.48
N LYS N 16 -43.17 17.69 -8.57
CA LYS N 16 -43.29 16.45 -9.31
C LYS N 16 -44.11 15.44 -8.52
#